data_4AKV
#
_entry.id   4AKV
#
_cell.length_a   68.650
_cell.length_b   216.210
_cell.length_c   58.200
_cell.angle_alpha   90.00
_cell.angle_beta   90.00
_cell.angle_gamma   90.00
#
_symmetry.space_group_name_H-M   'P 21 21 2'
#
loop_
_entity.id
_entity.type
_entity.pdbx_description
1 polymer 'SORTING NEXIN-33'
2 non-polymer 'SULFATE ION'
3 water water
#
_entity_poly.entity_id   1
_entity_poly.type   'polypeptide(L)'
_entity_poly.pdbx_seq_one_letter_code
;MHHHHHHSSGVDLGTENLYFQSMYSIEMGPRGPQWKANPHPFACSVEDPTKQTKFKGIKSYISYKLTPTHAASPVYRRYK
HFDWLYNRLLHKFTVISVPHLPEKQATGRFEEDFIEKRKRRLILWMDHMTSHPVLSQYEGFQHFLSCLDDKQWKMGKRRA
EKDEMVGASFLLTFQIPTEHQDLQDVEDRVDTFKAFSKKMDDSVLQLSTVASELVRKHVGGFRKEFQKLGSAFQAISHSF
QMDPPFCSEALNSAISHTGRTYEAIGEMFAEQPKNDLFQMLDTLSLYQGLLSNFPDIIHLQKGAFAKVKESQRMSDEGRM
VQDEADGIRRRCRVVGFALQAEMNHFHQRRELDFKHMMQNYLRQQILFYQRVGQQLEKTLRMYDNL
;
_entity_poly.pdbx_strand_id   A,B
#
loop_
_chem_comp.id
_chem_comp.type
_chem_comp.name
_chem_comp.formula
SO4 non-polymer 'SULFATE ION' 'O4 S -2'
#
# COMPACT_ATOMS: atom_id res chain seq x y z
N MET A 23 -5.28 -45.55 -30.57
CA MET A 23 -6.12 -44.42 -30.19
C MET A 23 -5.28 -43.15 -30.02
N TYR A 24 -4.03 -43.33 -29.62
CA TYR A 24 -3.10 -42.21 -29.47
C TYR A 24 -2.10 -42.18 -30.61
N SER A 25 -1.65 -40.98 -30.97
CA SER A 25 -0.65 -40.84 -32.02
C SER A 25 0.22 -39.60 -31.85
N ILE A 26 1.46 -39.70 -32.30
CA ILE A 26 2.38 -38.57 -32.28
C ILE A 26 2.69 -38.13 -33.71
N GLU A 27 2.43 -36.86 -34.01
CA GLU A 27 2.64 -36.33 -35.35
C GLU A 27 3.68 -35.22 -35.32
N MET A 28 4.30 -34.97 -36.47
CA MET A 28 5.25 -33.87 -36.59
C MET A 28 4.52 -32.56 -36.74
N GLY A 29 5.16 -31.47 -36.29
CA GLY A 29 4.54 -30.15 -36.33
C GLY A 29 5.58 -29.06 -36.44
N PRO A 30 5.12 -27.79 -36.43
CA PRO A 30 6.00 -26.63 -36.56
C PRO A 30 7.06 -26.58 -35.47
N ARG A 31 6.70 -26.97 -34.26
CA ARG A 31 7.64 -27.03 -33.14
C ARG A 31 8.23 -28.43 -32.99
N GLY A 32 7.93 -29.31 -33.94
CA GLY A 32 8.39 -30.68 -33.87
C GLY A 32 7.33 -31.63 -33.34
N PRO A 33 7.76 -32.81 -32.85
CA PRO A 33 6.87 -33.87 -32.35
C PRO A 33 5.83 -33.36 -31.36
N GLN A 34 4.58 -33.79 -31.54
CA GLN A 34 3.49 -33.35 -30.70
C GLN A 34 2.38 -34.39 -30.66
N TRP A 35 1.55 -34.34 -29.62
CA TRP A 35 0.41 -35.23 -29.53
C TRP A 35 -0.68 -34.80 -30.50
N LYS A 36 -1.26 -35.77 -31.19
CA LYS A 36 -2.41 -35.51 -32.04
C LYS A 36 -3.55 -35.05 -31.13
N ALA A 37 -4.29 -34.05 -31.58
CA ALA A 37 -5.35 -33.46 -30.77
C ALA A 37 -6.48 -34.44 -30.48
N ASN A 38 -7.19 -34.19 -29.38
CA ASN A 38 -8.37 -34.98 -29.05
C ASN A 38 -9.43 -34.78 -30.12
N PRO A 39 -9.86 -35.88 -30.77
CA PRO A 39 -10.91 -35.82 -31.79
C PRO A 39 -12.23 -35.33 -31.21
N HIS A 40 -12.44 -35.58 -29.92
CA HIS A 40 -13.66 -35.14 -29.25
C HIS A 40 -13.32 -34.32 -28.01
N PRO A 41 -13.01 -33.03 -28.21
CA PRO A 41 -12.61 -32.12 -27.13
C PRO A 41 -13.80 -31.80 -26.23
N PHE A 42 -13.52 -31.43 -24.98
CA PHE A 42 -14.57 -31.10 -24.04
C PHE A 42 -14.02 -30.37 -22.82
N ALA A 43 -14.91 -29.99 -21.92
CA ALA A 43 -14.55 -29.35 -20.67
C ALA A 43 -15.45 -29.90 -19.57
N CYS A 44 -15.04 -29.73 -18.32
CA CYS A 44 -15.81 -30.24 -17.19
C CYS A 44 -15.83 -29.24 -16.04
N SER A 45 -17.00 -28.71 -15.75
CA SER A 45 -17.15 -27.76 -14.66
C SER A 45 -17.21 -28.49 -13.33
N VAL A 46 -16.59 -27.88 -12.32
CA VAL A 46 -16.60 -28.44 -10.97
C VAL A 46 -17.29 -27.49 -10.01
N GLU A 47 -18.39 -27.95 -9.40
CA GLU A 47 -19.15 -27.12 -8.48
C GLU A 47 -19.29 -27.78 -7.11
N ASP A 48 -19.47 -26.96 -6.07
CA ASP A 48 -19.64 -27.45 -4.72
C ASP A 48 -21.01 -27.01 -4.18
N PRO A 49 -21.99 -27.92 -4.21
CA PRO A 49 -23.36 -27.65 -3.74
C PRO A 49 -23.39 -27.20 -2.28
N ILE A 62 -17.70 -34.38 1.52
CA ILE A 62 -18.12 -33.41 0.52
C ILE A 62 -18.10 -34.03 -0.88
N SER A 63 -19.22 -33.87 -1.59
CA SER A 63 -19.33 -34.38 -2.96
C SER A 63 -19.31 -33.22 -3.97
N TYR A 64 -18.42 -33.31 -4.94
CA TYR A 64 -18.29 -32.25 -5.95
C TYR A 64 -19.17 -32.52 -7.16
N LYS A 65 -19.89 -31.50 -7.60
CA LYS A 65 -20.74 -31.60 -8.78
C LYS A 65 -19.94 -31.40 -10.06
N LEU A 66 -19.71 -32.49 -10.78
CA LEU A 66 -18.95 -32.44 -12.02
C LEU A 66 -19.89 -32.50 -13.22
N THR A 67 -19.85 -31.46 -14.06
CA THR A 67 -20.70 -31.39 -15.23
C THR A 67 -19.88 -31.37 -16.51
N PRO A 68 -19.60 -32.55 -17.08
CA PRO A 68 -18.93 -32.64 -18.38
C PRO A 68 -19.85 -32.08 -19.45
N THR A 69 -19.31 -31.29 -20.37
CA THR A 69 -20.11 -30.65 -21.38
C THR A 69 -20.64 -31.64 -22.42
N HIS A 70 -19.93 -32.74 -22.61
CA HIS A 70 -20.33 -33.74 -23.58
C HIS A 70 -21.18 -34.86 -22.97
N ALA A 71 -21.32 -34.83 -21.64
CA ALA A 71 -22.13 -35.82 -20.94
C ALA A 71 -23.60 -35.43 -20.95
N ALA A 72 -24.49 -36.42 -20.99
CA ALA A 72 -25.92 -36.17 -20.98
C ALA A 72 -26.40 -35.73 -19.60
N SER A 73 -25.67 -36.15 -18.57
CA SER A 73 -26.04 -35.82 -17.20
C SER A 73 -24.83 -35.54 -16.32
N PRO A 74 -24.97 -34.60 -15.38
CA PRO A 74 -23.91 -34.29 -14.41
C PRO A 74 -23.57 -35.48 -13.52
N VAL A 75 -22.43 -35.40 -12.83
CA VAL A 75 -21.95 -36.51 -12.01
C VAL A 75 -21.32 -36.00 -10.71
N TYR A 76 -21.65 -36.65 -9.60
CA TYR A 76 -21.15 -36.26 -8.29
C TYR A 76 -20.02 -37.15 -7.81
N ARG A 77 -18.88 -36.54 -7.47
CA ARG A 77 -17.70 -37.28 -7.03
C ARG A 77 -17.07 -36.65 -5.79
N ARG A 78 -16.55 -37.51 -4.91
CA ARG A 78 -15.83 -37.05 -3.72
C ARG A 78 -14.33 -37.04 -4.01
N TYR A 79 -13.54 -36.60 -3.03
CA TYR A 79 -12.09 -36.51 -3.21
C TYR A 79 -11.43 -37.88 -3.33
N LYS A 80 -11.97 -38.87 -2.63
CA LYS A 80 -11.43 -40.21 -2.67
C LYS A 80 -11.56 -40.81 -4.08
N HIS A 81 -12.57 -40.35 -4.81
CA HIS A 81 -12.78 -40.77 -6.18
C HIS A 81 -11.70 -40.17 -7.09
N PHE A 82 -11.34 -38.92 -6.81
CA PHE A 82 -10.25 -38.27 -7.54
C PHE A 82 -8.93 -38.97 -7.25
N ASP A 83 -8.70 -39.30 -5.99
CA ASP A 83 -7.48 -39.95 -5.56
C ASP A 83 -7.32 -41.33 -6.20
N TRP A 84 -8.44 -42.05 -6.32
CA TRP A 84 -8.45 -43.34 -7.00
C TRP A 84 -8.05 -43.16 -8.45
N LEU A 85 -8.67 -42.20 -9.11
CA LEU A 85 -8.38 -41.90 -10.51
C LEU A 85 -6.94 -41.44 -10.68
N TYR A 86 -6.47 -40.63 -9.74
CA TYR A 86 -5.11 -40.09 -9.78
C TYR A 86 -4.08 -41.22 -9.73
N ASN A 87 -4.29 -42.18 -8.83
CA ASN A 87 -3.38 -43.31 -8.71
C ASN A 87 -3.41 -44.24 -9.91
N ARG A 88 -4.52 -44.21 -10.65
CA ARG A 88 -4.64 -45.01 -11.87
C ARG A 88 -3.81 -44.39 -12.99
N LEU A 89 -3.76 -43.06 -13.02
CA LEU A 89 -3.01 -42.33 -14.03
C LEU A 89 -1.50 -42.51 -13.85
N LEU A 90 -1.07 -42.61 -12.60
CA LEU A 90 0.34 -42.76 -12.29
C LEU A 90 0.87 -44.11 -12.77
N HIS A 91 0.08 -45.16 -12.56
CA HIS A 91 0.45 -46.50 -12.97
C HIS A 91 0.37 -46.63 -14.50
N LYS A 92 -0.58 -45.94 -15.10
CA LYS A 92 -0.82 -46.03 -16.53
C LYS A 92 0.18 -45.24 -17.35
N PHE A 93 0.21 -43.92 -17.14
CA PHE A 93 1.04 -43.03 -17.95
C PHE A 93 2.34 -42.65 -17.25
N THR A 94 3.42 -43.35 -17.60
CA THR A 94 4.73 -43.08 -17.01
C THR A 94 5.44 -41.89 -17.68
N VAL A 95 5.34 -41.81 -19.00
CA VAL A 95 6.04 -40.76 -19.75
C VAL A 95 5.25 -39.46 -19.84
N ILE A 96 4.02 -39.48 -19.35
CA ILE A 96 3.17 -38.30 -19.36
C ILE A 96 3.29 -37.57 -18.03
N SER A 97 3.26 -36.25 -18.07
CA SER A 97 3.31 -35.46 -16.85
C SER A 97 1.89 -35.23 -16.37
N VAL A 98 1.56 -35.88 -15.26
CA VAL A 98 0.21 -35.84 -14.71
C VAL A 98 0.09 -34.74 -13.68
N PRO A 99 -0.93 -33.87 -13.83
CA PRO A 99 -1.16 -32.81 -12.85
C PRO A 99 -1.40 -33.40 -11.46
N HIS A 100 -0.71 -32.88 -10.46
CA HIS A 100 -0.85 -33.39 -9.10
C HIS A 100 -2.18 -32.99 -8.49
N LEU A 101 -2.71 -33.86 -7.65
CA LEU A 101 -3.94 -33.58 -6.92
C LEU A 101 -3.58 -32.76 -5.69
N PRO A 102 -4.46 -31.84 -5.29
CA PRO A 102 -4.24 -31.06 -4.07
C PRO A 102 -4.16 -31.95 -2.83
N GLU A 103 -3.57 -31.44 -1.75
CA GLU A 103 -3.29 -32.23 -0.56
C GLU A 103 -4.55 -32.85 0.05
N LYS A 104 -4.38 -34.05 0.61
CA LYS A 104 -5.48 -34.78 1.22
C LYS A 104 -5.80 -34.27 2.62
N GLN A 105 -4.78 -33.82 3.34
CA GLN A 105 -4.95 -33.32 4.70
C GLN A 105 -4.67 -31.82 4.79
N GLU A 112 -7.98 -20.09 7.46
CA GLU A 112 -7.74 -21.47 7.06
C GLU A 112 -7.75 -21.62 5.54
N ASP A 113 -8.92 -21.37 4.94
CA ASP A 113 -9.10 -21.40 3.48
C ASP A 113 -8.94 -22.78 2.86
N PHE A 114 -8.53 -23.76 3.65
CA PHE A 114 -8.46 -25.14 3.20
C PHE A 114 -9.88 -25.63 2.91
N ILE A 115 -10.00 -26.60 2.00
CA ILE A 115 -11.29 -27.13 1.54
C ILE A 115 -11.98 -26.17 0.57
N GLU A 116 -11.54 -24.91 0.58
CA GLU A 116 -11.97 -23.95 -0.42
C GLU A 116 -10.89 -23.84 -1.50
N LYS A 117 -9.63 -23.89 -1.08
CA LYS A 117 -8.51 -23.87 -2.02
C LYS A 117 -8.41 -25.20 -2.75
N ARG A 118 -8.88 -26.26 -2.11
CA ARG A 118 -8.93 -27.57 -2.75
C ARG A 118 -9.86 -27.52 -3.97
N LYS A 119 -10.96 -26.81 -3.81
CA LYS A 119 -11.94 -26.69 -4.89
C LYS A 119 -11.36 -25.92 -6.08
N ARG A 120 -10.54 -24.92 -5.79
CA ARG A 120 -9.91 -24.12 -6.83
C ARG A 120 -8.83 -24.91 -7.57
N ARG A 121 -8.06 -25.69 -6.82
CA ARG A 121 -6.94 -26.43 -7.39
C ARG A 121 -7.40 -27.73 -8.05
N LEU A 122 -8.59 -28.19 -7.71
CA LEU A 122 -9.19 -29.32 -8.40
C LEU A 122 -9.72 -28.88 -9.76
N ILE A 123 -10.16 -27.62 -9.83
CA ILE A 123 -10.59 -27.02 -11.08
C ILE A 123 -9.42 -26.90 -12.06
N LEU A 124 -8.30 -26.38 -11.56
CA LEU A 124 -7.09 -26.26 -12.36
C LEU A 124 -6.58 -27.64 -12.77
N TRP A 125 -6.73 -28.60 -11.87
CA TRP A 125 -6.34 -29.98 -12.14
C TRP A 125 -7.23 -30.55 -13.25
N MET A 126 -8.53 -30.33 -13.11
CA MET A 126 -9.50 -30.81 -14.10
C MET A 126 -9.26 -30.19 -15.47
N ASP A 127 -9.05 -28.88 -15.49
CA ASP A 127 -8.82 -28.15 -16.75
C ASP A 127 -7.60 -28.67 -17.49
N HIS A 128 -6.56 -29.01 -16.75
CA HIS A 128 -5.32 -29.53 -17.34
C HIS A 128 -5.55 -30.94 -17.87
N MET A 129 -6.44 -31.68 -17.22
CA MET A 129 -6.77 -33.02 -17.65
C MET A 129 -7.55 -33.02 -18.96
N THR A 130 -8.60 -32.21 -19.03
CA THR A 130 -9.45 -32.17 -20.20
C THR A 130 -8.78 -31.51 -21.40
N SER A 131 -7.70 -30.76 -21.15
CA SER A 131 -6.98 -30.08 -22.22
C SER A 131 -5.73 -30.85 -22.65
N HIS A 132 -5.51 -32.01 -22.04
CA HIS A 132 -4.40 -32.87 -22.44
C HIS A 132 -4.87 -33.90 -23.44
N PRO A 133 -4.19 -33.99 -24.60
CA PRO A 133 -4.58 -34.85 -25.71
C PRO A 133 -4.63 -36.33 -25.33
N VAL A 134 -3.76 -36.74 -24.42
CA VAL A 134 -3.69 -38.12 -23.99
C VAL A 134 -4.57 -38.40 -22.77
N LEU A 135 -4.38 -37.61 -21.72
CA LEU A 135 -5.07 -37.84 -20.45
C LEU A 135 -6.59 -37.71 -20.55
N SER A 136 -7.07 -36.85 -21.44
CA SER A 136 -8.50 -36.62 -21.58
C SER A 136 -9.21 -37.77 -22.28
N GLN A 137 -8.48 -38.54 -23.07
CA GLN A 137 -9.06 -39.66 -23.80
C GLN A 137 -8.99 -40.97 -23.01
N TYR A 138 -8.40 -40.90 -21.81
CA TYR A 138 -8.25 -42.08 -20.97
C TYR A 138 -9.60 -42.67 -20.58
N GLU A 139 -9.72 -43.99 -20.74
CA GLU A 139 -10.99 -44.68 -20.53
C GLU A 139 -11.49 -44.55 -19.09
N GLY A 140 -10.58 -44.67 -18.13
CA GLY A 140 -10.93 -44.56 -16.73
C GLY A 140 -11.38 -43.16 -16.37
N PHE A 141 -10.85 -42.18 -17.09
CA PHE A 141 -11.24 -40.79 -16.91
C PHE A 141 -12.65 -40.58 -17.44
N GLN A 142 -12.94 -41.18 -18.59
CA GLN A 142 -14.27 -41.10 -19.19
C GLN A 142 -15.30 -41.83 -18.33
N HIS A 143 -14.86 -42.90 -17.68
CA HIS A 143 -15.72 -43.63 -16.76
C HIS A 143 -15.95 -42.80 -15.49
N PHE A 144 -14.95 -41.99 -15.15
CA PHE A 144 -15.02 -41.14 -13.98
C PHE A 144 -15.99 -39.99 -14.17
N LEU A 145 -16.27 -39.65 -15.44
CA LEU A 145 -17.09 -38.49 -15.76
C LEU A 145 -18.50 -38.88 -16.21
N SER A 146 -18.62 -40.00 -16.91
CA SER A 146 -19.88 -40.36 -17.56
C SER A 146 -20.58 -41.56 -16.92
N CYS A 147 -20.33 -41.81 -15.64
CA CYS A 147 -20.98 -42.92 -14.96
C CYS A 147 -22.02 -42.42 -13.94
N LEU A 148 -23.28 -42.42 -14.34
CA LEU A 148 -24.36 -41.98 -13.48
C LEU A 148 -24.96 -43.14 -12.68
N ASP A 149 -24.52 -44.36 -12.98
CA ASP A 149 -24.97 -45.53 -12.25
C ASP A 149 -24.10 -45.78 -11.02
N ASP A 150 -24.30 -46.92 -10.37
CA ASP A 150 -23.54 -47.26 -9.18
C ASP A 150 -22.96 -48.66 -9.29
N LYS A 151 -23.77 -49.60 -9.77
CA LYS A 151 -23.32 -50.97 -9.99
C LYS A 151 -22.28 -51.00 -11.11
N GLN A 152 -22.50 -50.15 -12.11
CA GLN A 152 -21.60 -50.04 -13.24
C GLN A 152 -20.32 -49.29 -12.84
N TRP A 153 -20.45 -48.47 -11.80
CA TRP A 153 -19.31 -47.72 -11.27
C TRP A 153 -18.26 -48.65 -10.67
N LYS A 154 -18.71 -49.62 -9.89
CA LYS A 154 -17.81 -50.59 -9.27
C LYS A 154 -17.22 -51.51 -10.34
N MET A 155 -17.99 -51.75 -11.39
CA MET A 155 -17.55 -52.60 -12.50
C MET A 155 -16.46 -51.91 -13.31
N GLY A 156 -16.70 -50.66 -13.69
CA GLY A 156 -15.75 -49.88 -14.45
C GLY A 156 -14.48 -49.62 -13.64
N LYS A 157 -14.65 -49.58 -12.32
CA LYS A 157 -13.51 -49.45 -11.42
C LYS A 157 -12.55 -50.61 -11.64
N ARG A 158 -13.09 -51.83 -11.57
CA ARG A 158 -12.32 -53.04 -11.79
C ARG A 158 -11.73 -53.11 -13.20
N ARG A 159 -12.46 -52.58 -14.17
CA ARG A 159 -12.03 -52.57 -15.57
C ARG A 159 -10.71 -51.81 -15.73
N ALA A 160 -10.55 -50.75 -14.95
CA ALA A 160 -9.34 -49.94 -15.00
C ALA A 160 -8.21 -50.55 -14.18
N GLU A 161 -8.57 -51.32 -13.15
CA GLU A 161 -7.59 -51.97 -12.30
C GLU A 161 -6.77 -52.98 -13.11
N LYS A 162 -7.46 -53.95 -13.70
CA LYS A 162 -6.80 -55.00 -14.46
C LYS A 162 -6.56 -54.60 -15.92
N ASP A 163 -5.90 -53.46 -16.11
CA ASP A 163 -5.53 -53.00 -17.44
C ASP A 163 -4.19 -53.59 -17.85
N GLU A 164 -4.18 -54.31 -18.97
CA GLU A 164 -2.96 -54.98 -19.43
C GLU A 164 -1.90 -53.99 -19.90
N MET A 165 -2.32 -52.91 -20.53
CA MET A 165 -1.37 -51.93 -21.06
C MET A 165 -1.15 -50.83 -20.03
N VAL A 166 0.04 -50.83 -19.43
CA VAL A 166 0.43 -49.83 -18.45
C VAL A 166 1.94 -49.68 -18.47
N GLY A 167 2.44 -48.50 -18.09
CA GLY A 167 3.87 -48.26 -18.05
C GLY A 167 4.54 -48.45 -19.40
N ALA A 168 5.53 -49.34 -19.43
CA ALA A 168 6.25 -49.65 -20.67
C ALA A 168 5.33 -50.30 -21.71
N SER A 169 4.24 -50.89 -21.25
CA SER A 169 3.28 -51.53 -22.15
C SER A 169 2.41 -50.49 -22.84
N PHE A 170 2.24 -49.34 -22.20
CA PHE A 170 1.46 -48.24 -22.76
C PHE A 170 2.16 -47.65 -23.99
N LEU A 171 3.48 -47.83 -24.04
CA LEU A 171 4.28 -47.29 -25.14
C LEU A 171 3.95 -47.96 -26.48
N LEU A 172 3.27 -49.10 -26.42
CA LEU A 172 2.87 -49.82 -27.62
C LEU A 172 1.49 -49.39 -28.10
N THR A 173 0.92 -48.41 -27.43
CA THR A 173 -0.42 -47.92 -27.79
C THR A 173 -0.35 -46.86 -28.88
N PHE A 174 0.44 -45.82 -28.65
CA PHE A 174 0.54 -44.72 -29.59
C PHE A 174 1.50 -45.02 -30.75
N GLN A 175 1.18 -44.51 -31.93
CA GLN A 175 2.03 -44.66 -33.10
C GLN A 175 2.91 -43.43 -33.26
N ILE A 176 4.15 -43.65 -33.71
CA ILE A 176 5.11 -42.56 -33.85
C ILE A 176 5.12 -42.05 -35.29
N PRO A 177 5.88 -40.97 -35.56
CA PRO A 177 6.02 -40.54 -36.96
C PRO A 177 6.91 -41.48 -37.76
N THR A 178 6.81 -41.42 -39.09
CA THR A 178 7.64 -42.23 -39.96
C THR A 178 8.98 -41.54 -40.20
N GLU A 179 9.04 -40.25 -39.87
CA GLU A 179 10.26 -39.47 -40.03
C GLU A 179 11.35 -39.93 -39.06
N HIS A 180 12.60 -39.88 -39.50
CA HIS A 180 13.73 -40.23 -38.64
C HIS A 180 14.51 -39.00 -38.21
N GLN A 181 14.59 -38.80 -36.91
CA GLN A 181 15.34 -37.69 -36.35
C GLN A 181 16.62 -38.18 -35.68
N ASP A 182 17.68 -37.39 -35.76
CA ASP A 182 18.97 -37.76 -35.19
C ASP A 182 18.87 -37.91 -33.67
N LEU A 183 19.30 -39.05 -33.17
CA LEU A 183 19.21 -39.36 -31.74
C LEU A 183 19.98 -38.38 -30.88
N GLN A 184 21.09 -37.86 -31.41
CA GLN A 184 21.89 -36.90 -30.68
C GLN A 184 21.17 -35.56 -30.60
N ASP A 185 20.45 -35.21 -31.66
CA ASP A 185 19.67 -33.97 -31.68
C ASP A 185 18.56 -34.01 -30.65
N VAL A 186 17.99 -35.19 -30.45
CA VAL A 186 16.93 -35.38 -29.46
C VAL A 186 17.49 -35.23 -28.05
N GLU A 187 18.65 -35.83 -27.80
CA GLU A 187 19.29 -35.76 -26.50
C GLU A 187 19.64 -34.31 -26.15
N ASP A 188 20.08 -33.55 -27.14
CA ASP A 188 20.39 -32.14 -26.94
C ASP A 188 19.14 -31.35 -26.60
N ARG A 189 18.03 -31.74 -27.22
CA ARG A 189 16.73 -31.11 -26.94
C ARG A 189 16.30 -31.41 -25.50
N VAL A 190 16.44 -32.67 -25.09
CA VAL A 190 16.08 -33.08 -23.74
C VAL A 190 16.96 -32.39 -22.71
N ASP A 191 18.27 -32.34 -22.98
CA ASP A 191 19.21 -31.68 -22.08
C ASP A 191 18.92 -30.19 -21.95
N THR A 192 18.42 -29.59 -23.02
CA THR A 192 18.04 -28.19 -23.01
C THR A 192 16.81 -28.00 -22.12
N PHE A 193 15.87 -28.94 -22.22
CA PHE A 193 14.65 -28.90 -21.44
C PHE A 193 14.95 -29.18 -19.97
N LYS A 194 15.97 -29.99 -19.73
CA LYS A 194 16.38 -30.32 -18.37
C LYS A 194 16.87 -29.06 -17.66
N ALA A 195 17.72 -28.30 -18.33
CA ALA A 195 18.24 -27.06 -17.78
C ALA A 195 17.14 -26.03 -17.58
N PHE A 196 16.21 -25.99 -18.53
CA PHE A 196 15.08 -25.07 -18.46
C PHE A 196 14.17 -25.38 -17.28
N SER A 197 13.80 -26.66 -17.15
CA SER A 197 12.89 -27.10 -16.11
C SER A 197 13.43 -26.84 -14.71
N LYS A 198 14.75 -26.93 -14.55
CA LYS A 198 15.37 -26.67 -13.26
C LYS A 198 15.29 -25.20 -12.89
N LYS A 199 15.61 -24.33 -13.84
CA LYS A 199 15.57 -22.89 -13.60
C LYS A 199 14.15 -22.38 -13.41
N MET A 200 13.19 -22.95 -14.15
CA MET A 200 11.79 -22.57 -13.99
C MET A 200 11.28 -22.99 -12.62
N ASP A 201 11.70 -24.16 -12.17
CA ASP A 201 11.30 -24.68 -10.87
C ASP A 201 11.74 -23.73 -9.77
N ASP A 202 12.89 -23.10 -9.96
CA ASP A 202 13.42 -22.12 -9.02
C ASP A 202 12.64 -20.82 -9.08
N SER A 203 12.45 -20.30 -10.30
CA SER A 203 11.76 -19.03 -10.50
C SER A 203 10.31 -19.09 -10.05
N VAL A 204 9.69 -20.26 -10.20
CA VAL A 204 8.34 -20.47 -9.72
C VAL A 204 8.32 -20.48 -8.21
N LEU A 205 9.28 -21.20 -7.61
CA LEU A 205 9.42 -21.24 -6.16
C LEU A 205 9.67 -19.85 -5.60
N GLN A 206 10.46 -19.05 -6.32
CA GLN A 206 10.73 -17.68 -5.92
C GLN A 206 9.46 -16.84 -5.88
N LEU A 207 8.69 -16.88 -6.96
CA LEU A 207 7.44 -16.13 -7.04
C LEU A 207 6.41 -16.66 -6.06
N SER A 208 6.40 -17.98 -5.88
CA SER A 208 5.48 -18.60 -4.94
C SER A 208 5.80 -18.17 -3.51
N THR A 209 7.09 -18.03 -3.21
CA THR A 209 7.52 -17.58 -1.90
C THR A 209 7.15 -16.11 -1.67
N VAL A 210 7.43 -15.28 -2.67
CA VAL A 210 7.11 -13.86 -2.61
C VAL A 210 5.62 -13.63 -2.41
N ALA A 211 4.80 -14.37 -3.17
CA ALA A 211 3.36 -14.24 -3.09
C ALA A 211 2.83 -14.62 -1.71
N SER A 212 3.36 -15.70 -1.14
CA SER A 212 2.94 -16.17 0.17
C SER A 212 3.26 -15.13 1.24
N GLU A 213 4.42 -14.49 1.11
CA GLU A 213 4.80 -13.42 2.03
C GLU A 213 3.90 -12.20 1.85
N LEU A 214 3.52 -11.93 0.62
CA LEU A 214 2.62 -10.81 0.31
C LEU A 214 1.25 -11.01 0.96
N VAL A 215 0.82 -12.25 1.04
CA VAL A 215 -0.45 -12.57 1.69
C VAL A 215 -0.41 -12.17 3.15
N ARG A 216 0.71 -12.49 3.81
CA ARG A 216 0.88 -12.14 5.21
C ARG A 216 1.03 -10.64 5.43
N LYS A 217 1.72 -9.97 4.51
CA LYS A 217 1.88 -8.52 4.57
C LYS A 217 0.53 -7.82 4.46
N HIS A 218 -0.34 -8.34 3.61
CA HIS A 218 -1.68 -7.79 3.43
C HIS A 218 -2.51 -7.96 4.70
N VAL A 219 -2.42 -9.14 5.30
CA VAL A 219 -3.15 -9.43 6.53
C VAL A 219 -2.53 -8.69 7.72
N GLY A 220 -1.22 -8.49 7.66
CA GLY A 220 -0.51 -7.84 8.74
C GLY A 220 -0.05 -6.43 8.43
N GLY A 221 1.17 -6.32 7.88
CA GLY A 221 1.81 -5.04 7.65
C GLY A 221 1.00 -3.97 6.94
N PHE A 222 0.53 -4.29 5.73
CA PHE A 222 -0.22 -3.33 4.94
C PHE A 222 -1.49 -2.86 5.64
N ARG A 223 -2.19 -3.78 6.30
CA ARG A 223 -3.38 -3.42 7.05
C ARG A 223 -3.02 -2.52 8.23
N LYS A 224 -2.04 -2.96 9.00
CA LYS A 224 -1.62 -2.26 10.22
C LYS A 224 -1.31 -0.78 10.00
N GLU A 225 -0.58 -0.48 8.93
CA GLU A 225 -0.19 0.90 8.65
C GLU A 225 -1.40 1.79 8.39
N PHE A 226 -2.34 1.29 7.59
CA PHE A 226 -3.58 2.01 7.33
C PHE A 226 -4.41 2.14 8.60
N GLN A 227 -4.44 1.07 9.39
CA GLN A 227 -5.18 1.08 10.65
C GLN A 227 -4.58 2.09 11.63
N LYS A 228 -3.26 2.25 11.58
CA LYS A 228 -2.58 3.22 12.44
C LYS A 228 -2.89 4.65 12.03
N LEU A 229 -2.89 4.89 10.73
CA LEU A 229 -3.14 6.22 10.19
C LEU A 229 -4.54 6.70 10.51
N GLY A 230 -5.52 5.83 10.24
CA GLY A 230 -6.92 6.16 10.52
C GLY A 230 -7.18 6.33 12.01
N SER A 231 -6.49 5.54 12.81
CA SER A 231 -6.63 5.62 14.26
C SER A 231 -6.14 6.98 14.77
N ALA A 232 -5.06 7.47 14.15
CA ALA A 232 -4.52 8.78 14.49
C ALA A 232 -5.50 9.88 14.08
N PHE A 233 -6.07 9.75 12.89
CA PHE A 233 -7.11 10.66 12.42
C PHE A 233 -8.28 10.66 13.40
N GLN A 234 -8.63 9.47 13.89
CA GLN A 234 -9.72 9.32 14.84
C GLN A 234 -9.43 10.10 16.13
N ALA A 235 -8.20 10.00 16.61
CA ALA A 235 -7.79 10.66 17.84
C ALA A 235 -7.84 12.18 17.71
N ILE A 236 -7.38 12.69 16.57
CA ILE A 236 -7.41 14.12 16.28
C ILE A 236 -8.84 14.66 16.37
N SER A 237 -9.76 13.98 15.70
CA SER A 237 -11.17 14.35 15.72
C SER A 237 -11.72 14.32 17.14
N HIS A 238 -11.41 13.25 17.86
CA HIS A 238 -11.87 13.08 19.24
C HIS A 238 -11.40 14.25 20.11
N SER A 239 -10.13 14.60 20.00
CA SER A 239 -9.56 15.69 20.77
C SER A 239 -10.16 17.03 20.36
N PHE A 240 -10.71 17.10 19.16
CA PHE A 240 -11.35 18.31 18.67
C PHE A 240 -12.75 18.47 19.24
N GLN A 241 -13.24 17.45 19.93
CA GLN A 241 -14.59 17.48 20.48
C GLN A 241 -14.58 17.82 21.96
N MET A 242 -13.40 18.17 22.48
CA MET A 242 -13.24 18.43 23.91
C MET A 242 -13.65 19.86 24.29
N ASP A 243 -13.83 20.71 23.29
CA ASP A 243 -14.28 22.08 23.53
C ASP A 243 -15.52 22.34 22.67
N PRO A 244 -16.66 21.79 23.09
CA PRO A 244 -17.89 21.71 22.27
C PRO A 244 -18.39 22.99 21.57
N PRO A 245 -18.51 24.13 22.28
CA PRO A 245 -19.17 25.25 21.60
C PRO A 245 -18.27 25.95 20.58
N PHE A 246 -16.98 25.68 20.63
CA PHE A 246 -16.02 26.42 19.82
C PHE A 246 -15.47 25.60 18.65
N CYS A 247 -15.87 24.33 18.59
CA CYS A 247 -15.36 23.45 17.55
C CYS A 247 -16.46 23.02 16.58
N SER A 248 -16.08 22.86 15.31
CA SER A 248 -17.02 22.51 14.26
C SER A 248 -17.27 21.00 14.17
N GLU A 249 -18.50 20.60 14.38
CA GLU A 249 -18.87 19.19 14.30
C GLU A 249 -18.77 18.69 12.85
N ALA A 250 -18.98 19.59 11.91
CA ALA A 250 -18.86 19.27 10.50
C ALA A 250 -17.44 18.79 10.17
N LEU A 251 -16.46 19.53 10.68
CA LEU A 251 -15.06 19.20 10.43
C LEU A 251 -14.66 17.92 11.17
N ASN A 252 -15.09 17.79 12.42
CA ASN A 252 -14.78 16.62 13.22
C ASN A 252 -15.36 15.35 12.62
N SER A 253 -16.55 15.49 12.01
CA SER A 253 -17.21 14.36 11.38
C SER A 253 -16.47 13.92 10.12
N ALA A 254 -15.89 14.89 9.42
CA ALA A 254 -15.13 14.59 8.21
C ALA A 254 -13.79 13.93 8.57
N ILE A 255 -13.17 14.41 9.63
CA ILE A 255 -11.89 13.85 10.09
C ILE A 255 -12.06 12.41 10.58
N SER A 256 -13.11 12.19 11.37
CA SER A 256 -13.41 10.85 11.87
C SER A 256 -13.93 9.94 10.77
N HIS A 257 -14.44 10.54 9.70
CA HIS A 257 -14.87 9.76 8.53
C HIS A 257 -13.65 9.25 7.79
N THR A 258 -12.62 10.10 7.69
CA THR A 258 -11.38 9.71 7.05
C THR A 258 -10.69 8.63 7.87
N GLY A 259 -10.85 8.70 9.19
CA GLY A 259 -10.31 7.69 10.09
C GLY A 259 -10.96 6.34 9.85
N ARG A 260 -12.29 6.31 9.80
CA ARG A 260 -13.01 5.07 9.54
C ARG A 260 -12.77 4.59 8.12
N THR A 261 -12.39 5.51 7.23
CA THR A 261 -12.08 5.17 5.85
C THR A 261 -10.76 4.42 5.75
N TYR A 262 -9.71 4.97 6.36
CA TYR A 262 -8.40 4.34 6.35
C TYR A 262 -8.40 3.00 7.08
N GLU A 263 -9.28 2.86 8.06
CA GLU A 263 -9.45 1.59 8.74
C GLU A 263 -10.16 0.60 7.82
N ALA A 264 -11.10 1.12 7.03
CA ALA A 264 -11.81 0.30 6.05
C ALA A 264 -10.85 -0.16 4.95
N ILE A 265 -9.99 0.75 4.51
CA ILE A 265 -8.98 0.44 3.51
C ILE A 265 -8.02 -0.63 4.02
N GLY A 266 -7.75 -0.60 5.31
CA GLY A 266 -6.91 -1.61 5.93
C GLY A 266 -7.50 -3.00 5.79
N GLU A 267 -8.81 -3.12 6.02
CA GLU A 267 -9.50 -4.39 5.91
C GLU A 267 -9.61 -4.84 4.45
N MET A 268 -9.64 -3.87 3.54
CA MET A 268 -9.67 -4.17 2.12
C MET A 268 -8.36 -4.84 1.70
N PHE A 269 -7.26 -4.37 2.25
CA PHE A 269 -5.96 -4.97 2.02
C PHE A 269 -5.91 -6.39 2.57
N ALA A 270 -6.54 -6.58 3.72
CA ALA A 270 -6.53 -7.88 4.39
C ALA A 270 -7.35 -8.92 3.62
N GLU A 271 -8.36 -8.46 2.89
CA GLU A 271 -9.24 -9.36 2.16
C GLU A 271 -8.79 -9.52 0.71
N GLN A 272 -7.92 -8.63 0.25
CA GLN A 272 -7.48 -8.61 -1.14
C GLN A 272 -6.83 -9.89 -1.71
N PRO A 273 -5.92 -10.54 -0.95
CA PRO A 273 -5.26 -11.74 -1.49
C PRO A 273 -6.21 -12.82 -2.01
N LYS A 274 -7.45 -12.82 -1.52
CA LYS A 274 -8.44 -13.78 -1.96
C LYS A 274 -8.85 -13.54 -3.41
N ASN A 275 -8.63 -12.31 -3.88
CA ASN A 275 -9.05 -11.91 -5.22
C ASN A 275 -7.98 -12.10 -6.29
N ASP A 276 -6.71 -12.12 -5.89
CA ASP A 276 -5.61 -12.20 -6.85
C ASP A 276 -4.48 -13.15 -6.45
N LEU A 277 -3.96 -12.98 -5.24
CA LEU A 277 -2.81 -13.76 -4.79
C LEU A 277 -3.12 -15.26 -4.67
N PHE A 278 -4.30 -15.58 -4.15
CA PHE A 278 -4.70 -16.98 -3.97
C PHE A 278 -4.76 -17.71 -5.31
N GLN A 279 -5.27 -17.02 -6.33
CA GLN A 279 -5.38 -17.61 -7.66
C GLN A 279 -4.00 -17.83 -8.28
N MET A 280 -3.11 -16.87 -8.11
CA MET A 280 -1.76 -16.98 -8.63
C MET A 280 -1.01 -18.16 -8.01
N LEU A 281 -1.17 -18.34 -6.71
CA LEU A 281 -0.53 -19.44 -6.00
C LEU A 281 -1.06 -20.79 -6.47
N ASP A 282 -2.32 -20.81 -6.90
CA ASP A 282 -2.93 -22.03 -7.42
C ASP A 282 -2.28 -22.45 -8.73
N THR A 283 -1.96 -21.46 -9.57
CA THR A 283 -1.34 -21.71 -10.86
C THR A 283 0.10 -22.21 -10.66
N LEU A 284 0.83 -21.56 -9.76
CA LEU A 284 2.21 -21.93 -9.48
C LEU A 284 2.29 -23.33 -8.84
N SER A 285 1.27 -23.66 -8.05
CA SER A 285 1.18 -24.97 -7.43
C SER A 285 0.97 -26.05 -8.49
N LEU A 286 0.21 -25.71 -9.52
CA LEU A 286 -0.06 -26.62 -10.63
C LEU A 286 1.22 -27.00 -11.35
N TYR A 287 2.05 -26.00 -11.63
CA TYR A 287 3.27 -26.22 -12.41
C TYR A 287 4.44 -26.75 -11.58
N GLN A 288 4.39 -26.56 -10.27
CA GLN A 288 5.37 -27.18 -9.39
C GLN A 288 5.17 -28.69 -9.39
N GLY A 289 3.92 -29.11 -9.51
CA GLY A 289 3.59 -30.52 -9.61
C GLY A 289 3.98 -31.10 -10.95
N LEU A 290 3.83 -30.30 -12.01
CA LEU A 290 4.18 -30.73 -13.35
C LEU A 290 5.69 -30.82 -13.54
N LEU A 291 6.40 -29.82 -13.02
CA LEU A 291 7.86 -29.77 -13.15
C LEU A 291 8.55 -30.86 -12.36
N SER A 292 7.87 -31.40 -11.35
CA SER A 292 8.42 -32.47 -10.53
C SER A 292 8.30 -33.82 -11.23
N ASN A 293 7.38 -33.90 -12.18
CA ASN A 293 7.17 -35.13 -12.95
C ASN A 293 8.32 -35.41 -13.91
N PHE A 294 8.99 -34.33 -14.34
CA PHE A 294 10.01 -34.41 -15.38
C PHE A 294 11.35 -35.09 -15.05
N PRO A 295 11.98 -34.75 -13.89
CA PRO A 295 13.30 -35.30 -13.58
C PRO A 295 13.41 -36.82 -13.76
N ASP A 296 12.42 -37.56 -13.28
CA ASP A 296 12.43 -39.01 -13.42
C ASP A 296 12.25 -39.43 -14.88
N ILE A 297 11.35 -38.74 -15.59
CA ILE A 297 11.12 -39.03 -17.00
C ILE A 297 12.36 -38.74 -17.84
N ILE A 298 12.97 -37.58 -17.59
CA ILE A 298 14.18 -37.19 -18.28
C ILE A 298 15.32 -38.16 -18.01
N HIS A 299 15.42 -38.61 -16.77
CA HIS A 299 16.45 -39.57 -16.38
C HIS A 299 16.29 -40.90 -17.09
N LEU A 300 15.05 -41.31 -17.29
CA LEU A 300 14.77 -42.54 -18.02
C LEU A 300 15.20 -42.39 -19.47
N GLN A 301 14.99 -41.20 -20.02
CA GLN A 301 15.35 -40.93 -21.41
C GLN A 301 16.87 -40.88 -21.58
N LYS A 302 17.56 -40.25 -20.63
CA LYS A 302 19.01 -40.18 -20.65
C LYS A 302 19.61 -41.58 -20.56
N GLY A 303 18.93 -42.46 -19.84
CA GLY A 303 19.35 -43.85 -19.74
C GLY A 303 19.08 -44.60 -21.03
N ALA A 304 18.03 -44.19 -21.75
CA ALA A 304 17.69 -44.80 -23.02
C ALA A 304 18.73 -44.46 -24.09
N PHE A 305 19.19 -43.21 -24.09
CA PHE A 305 20.24 -42.78 -25.00
C PHE A 305 21.55 -43.50 -24.68
N ALA A 306 21.75 -43.77 -23.39
CA ALA A 306 22.97 -44.42 -22.93
C ALA A 306 23.06 -45.87 -23.39
N LYS A 307 21.93 -46.58 -23.31
CA LYS A 307 21.90 -47.99 -23.68
C LYS A 307 21.97 -48.21 -25.19
N VAL A 308 21.58 -47.19 -25.95
CA VAL A 308 21.71 -47.26 -27.41
C VAL A 308 23.18 -47.23 -27.81
N LYS A 309 23.91 -46.26 -27.27
CA LYS A 309 25.34 -46.16 -27.52
C LYS A 309 26.07 -47.36 -26.92
N GLU A 310 25.55 -47.85 -25.79
CA GLU A 310 26.13 -49.02 -25.13
C GLU A 310 25.99 -50.27 -25.98
N SER A 311 24.76 -50.62 -26.33
CA SER A 311 24.46 -51.83 -27.07
C SER A 311 25.13 -51.85 -28.44
N GLN A 312 25.14 -50.71 -29.11
CA GLN A 312 25.74 -50.61 -30.44
C GLN A 312 27.25 -50.80 -30.38
N ARG A 313 27.88 -50.20 -29.37
CA ARG A 313 29.33 -50.28 -29.22
C ARG A 313 29.79 -51.73 -29.05
N MET A 314 29.03 -52.51 -28.30
CA MET A 314 29.38 -53.90 -28.06
C MET A 314 28.84 -54.85 -29.12
N SER A 315 27.81 -54.39 -29.84
CA SER A 315 27.31 -55.15 -30.98
C SER A 315 28.36 -55.14 -32.09
N ASP A 316 29.07 -54.02 -32.20
CA ASP A 316 30.18 -53.90 -33.15
C ASP A 316 31.32 -54.81 -32.74
N GLU A 317 31.52 -54.95 -31.44
CA GLU A 317 32.60 -55.78 -30.91
C GLU A 317 32.21 -57.25 -30.85
N GLY A 318 31.00 -57.56 -31.32
CA GLY A 318 30.53 -58.93 -31.36
C GLY A 318 30.12 -59.47 -30.01
N ARG A 319 29.86 -58.55 -29.07
CA ARG A 319 29.49 -58.94 -27.72
C ARG A 319 27.97 -58.98 -27.52
N MET A 320 27.23 -58.62 -28.57
CA MET A 320 25.78 -58.61 -28.52
C MET A 320 25.20 -58.79 -29.93
N VAL A 321 23.99 -59.34 -30.01
CA VAL A 321 23.31 -59.51 -31.29
C VAL A 321 22.73 -58.17 -31.77
N GLN A 322 23.00 -57.84 -33.02
CA GLN A 322 22.58 -56.56 -33.60
C GLN A 322 21.07 -56.37 -33.58
N ASP A 323 20.33 -57.44 -33.85
CA ASP A 323 18.88 -57.39 -33.86
C ASP A 323 18.31 -56.95 -32.51
N GLU A 324 19.04 -57.28 -31.45
CA GLU A 324 18.63 -56.90 -30.10
C GLU A 324 19.08 -55.47 -29.79
N ALA A 325 20.15 -55.03 -30.43
CA ALA A 325 20.61 -53.66 -30.29
C ALA A 325 19.68 -52.73 -31.07
N ASP A 326 19.06 -53.28 -32.11
CA ASP A 326 18.08 -52.52 -32.90
C ASP A 326 16.80 -52.31 -32.11
N GLY A 327 16.39 -53.32 -31.37
CA GLY A 327 15.19 -53.25 -30.55
C GLY A 327 15.32 -52.25 -29.43
N ILE A 328 16.55 -51.96 -29.03
CA ILE A 328 16.82 -50.98 -27.99
C ILE A 328 16.78 -49.57 -28.58
N ARG A 329 17.36 -49.41 -29.77
CA ARG A 329 17.33 -48.13 -30.46
C ARG A 329 15.89 -47.78 -30.85
N ARG A 330 15.13 -48.80 -31.25
CA ARG A 330 13.74 -48.60 -31.64
C ARG A 330 12.91 -48.17 -30.43
N ARG A 331 13.19 -48.78 -29.28
CA ARG A 331 12.49 -48.46 -28.04
C ARG A 331 12.83 -47.06 -27.56
N CYS A 332 14.06 -46.63 -27.80
CA CYS A 332 14.51 -45.31 -27.39
C CYS A 332 13.88 -44.25 -28.29
N ARG A 333 13.70 -44.60 -29.57
CA ARG A 333 13.10 -43.69 -30.53
C ARG A 333 11.66 -43.39 -30.16
N VAL A 334 10.93 -44.42 -29.73
CA VAL A 334 9.54 -44.30 -29.36
C VAL A 334 9.36 -43.41 -28.12
N VAL A 335 10.07 -43.74 -27.05
CA VAL A 335 9.98 -42.98 -25.81
C VAL A 335 10.51 -41.57 -25.98
N GLY A 336 11.41 -41.37 -26.93
CA GLY A 336 11.94 -40.07 -27.24
C GLY A 336 10.90 -39.20 -27.92
N PHE A 337 10.04 -39.84 -28.70
CA PHE A 337 8.94 -39.16 -29.35
C PHE A 337 7.89 -38.75 -28.33
N ALA A 338 7.60 -39.64 -27.39
CA ALA A 338 6.61 -39.39 -26.36
C ALA A 338 7.03 -38.22 -25.46
N LEU A 339 8.32 -38.15 -25.15
CA LEU A 339 8.84 -37.10 -24.29
C LEU A 339 8.79 -35.74 -24.97
N GLN A 340 9.18 -35.71 -26.25
CA GLN A 340 9.14 -34.46 -27.02
C GLN A 340 7.73 -33.92 -27.12
N ALA A 341 6.76 -34.82 -27.23
CA ALA A 341 5.36 -34.43 -27.29
C ALA A 341 4.89 -33.83 -25.97
N GLU A 342 5.33 -34.44 -24.86
CA GLU A 342 5.00 -33.95 -23.54
C GLU A 342 5.65 -32.60 -23.26
N MET A 343 6.92 -32.47 -23.65
CA MET A 343 7.65 -31.22 -23.47
C MET A 343 7.03 -30.11 -24.30
N ASN A 344 6.57 -30.47 -25.50
CA ASN A 344 5.90 -29.50 -26.36
C ASN A 344 4.57 -29.07 -25.77
N HIS A 345 3.81 -30.04 -25.27
CA HIS A 345 2.51 -29.76 -24.68
C HIS A 345 2.64 -28.93 -23.41
N PHE A 346 3.69 -29.21 -22.63
CA PHE A 346 3.94 -28.48 -21.39
C PHE A 346 4.19 -27.00 -21.68
N HIS A 347 4.93 -26.72 -22.74
CA HIS A 347 5.18 -25.34 -23.14
C HIS A 347 3.93 -24.67 -23.65
N GLN A 348 3.09 -25.44 -24.36
CA GLN A 348 1.85 -24.92 -24.92
C GLN A 348 0.91 -24.42 -23.84
N ARG A 349 0.81 -25.17 -22.75
CA ARG A 349 -0.05 -24.80 -21.63
C ARG A 349 0.60 -23.71 -20.79
N ARG A 350 1.91 -23.79 -20.63
CA ARG A 350 2.67 -22.85 -19.82
C ARG A 350 2.47 -21.41 -20.29
N GLU A 351 2.51 -21.19 -21.59
CA GLU A 351 2.35 -19.85 -22.14
C GLU A 351 0.91 -19.35 -22.05
N LEU A 352 -0.04 -20.28 -22.04
CA LEU A 352 -1.44 -19.92 -21.90
C LEU A 352 -1.76 -19.57 -20.45
N ASP A 353 -1.47 -20.50 -19.55
CA ASP A 353 -1.79 -20.33 -18.13
C ASP A 353 -1.09 -19.13 -17.51
N PHE A 354 0.17 -18.92 -17.86
CA PHE A 354 0.94 -17.81 -17.30
C PHE A 354 0.53 -16.46 -17.88
N LYS A 355 0.07 -16.45 -19.12
CA LYS A 355 -0.49 -15.24 -19.71
C LYS A 355 -1.77 -14.89 -18.98
N HIS A 356 -2.61 -15.89 -18.75
CA HIS A 356 -3.86 -15.70 -18.06
C HIS A 356 -3.64 -15.38 -16.58
N MET A 357 -2.60 -15.98 -16.00
CA MET A 357 -2.24 -15.72 -14.61
C MET A 357 -1.89 -14.26 -14.42
N MET A 358 -0.93 -13.78 -15.22
CA MET A 358 -0.50 -12.40 -15.16
C MET A 358 -1.64 -11.43 -15.46
N GLN A 359 -2.51 -11.81 -16.40
CA GLN A 359 -3.66 -10.98 -16.74
C GLN A 359 -4.67 -10.89 -15.60
N ASN A 360 -5.06 -12.04 -15.06
CA ASN A 360 -6.02 -12.08 -13.97
C ASN A 360 -5.52 -11.36 -12.72
N TYR A 361 -4.21 -11.47 -12.46
CA TYR A 361 -3.62 -10.81 -11.31
C TYR A 361 -3.65 -9.30 -11.46
N LEU A 362 -3.15 -8.82 -12.60
CA LEU A 362 -3.09 -7.39 -12.88
C LEU A 362 -4.48 -6.75 -12.89
N ARG A 363 -5.44 -7.42 -13.54
CA ARG A 363 -6.80 -6.90 -13.61
C ARG A 363 -7.41 -6.72 -12.23
N GLN A 364 -7.10 -7.62 -11.31
CA GLN A 364 -7.61 -7.54 -9.95
C GLN A 364 -6.89 -6.49 -9.12
N GLN A 365 -5.58 -6.34 -9.37
CA GLN A 365 -4.81 -5.29 -8.74
C GLN A 365 -5.31 -3.92 -9.18
N ILE A 366 -5.64 -3.80 -10.46
CA ILE A 366 -6.16 -2.56 -11.02
C ILE A 366 -7.48 -2.17 -10.36
N LEU A 367 -8.41 -3.13 -10.31
CA LEU A 367 -9.71 -2.90 -9.68
C LEU A 367 -9.55 -2.55 -8.22
N PHE A 368 -8.58 -3.19 -7.56
CA PHE A 368 -8.31 -2.96 -6.15
C PHE A 368 -7.93 -1.52 -5.85
N TYR A 369 -6.91 -1.02 -6.56
CA TYR A 369 -6.44 0.34 -6.33
C TYR A 369 -7.41 1.40 -6.85
N GLN A 370 -8.39 0.96 -7.63
CA GLN A 370 -9.48 1.84 -8.04
C GLN A 370 -10.46 1.99 -6.91
N ARG A 371 -10.77 0.88 -6.26
CA ARG A 371 -11.68 0.86 -5.11
C ARG A 371 -11.09 1.63 -3.94
N VAL A 372 -9.77 1.60 -3.82
CA VAL A 372 -9.08 2.38 -2.79
C VAL A 372 -9.22 3.86 -3.10
N GLY A 373 -8.95 4.24 -4.34
CA GLY A 373 -9.07 5.61 -4.79
C GLY A 373 -10.47 6.17 -4.63
N GLN A 374 -11.47 5.29 -4.71
CA GLN A 374 -12.86 5.70 -4.51
C GLN A 374 -13.15 5.96 -3.04
N GLN A 375 -12.57 5.13 -2.17
CA GLN A 375 -12.69 5.31 -0.73
C GLN A 375 -12.11 6.67 -0.33
N LEU A 376 -10.97 7.01 -0.92
CA LEU A 376 -10.29 8.27 -0.62
C LEU A 376 -11.06 9.46 -1.17
N GLU A 377 -11.64 9.30 -2.36
CA GLU A 377 -12.42 10.37 -2.98
C GLU A 377 -13.71 10.60 -2.22
N LYS A 378 -14.35 9.52 -1.77
CA LYS A 378 -15.59 9.61 -1.03
C LYS A 378 -15.40 10.39 0.26
N THR A 379 -14.25 10.21 0.90
CA THR A 379 -13.97 10.86 2.18
C THR A 379 -13.46 12.30 1.99
N LEU A 380 -12.93 12.59 0.80
CA LEU A 380 -12.45 13.93 0.50
C LEU A 380 -13.60 14.91 0.33
N ARG A 381 -14.71 14.42 -0.22
CA ARG A 381 -15.89 15.25 -0.43
C ARG A 381 -16.58 15.62 0.89
N MET A 382 -16.20 14.93 1.96
CA MET A 382 -16.72 15.23 3.28
C MET A 382 -16.25 16.60 3.77
N TYR A 383 -15.19 17.11 3.15
CA TYR A 383 -14.62 18.40 3.52
C TYR A 383 -15.16 19.53 2.66
N ASP A 384 -16.23 19.24 1.92
CA ASP A 384 -16.87 20.24 1.08
C ASP A 384 -18.14 20.76 1.74
N ASN A 385 -18.28 22.07 1.80
CA ASN A 385 -17.28 23.00 1.29
C ASN A 385 -16.72 23.87 2.41
N TYR B 19 3.39 58.53 19.71
CA TYR B 19 2.14 58.92 20.37
C TYR B 19 2.13 58.49 21.83
N PHE B 20 1.35 57.46 22.14
CA PHE B 20 1.29 56.95 23.50
C PHE B 20 1.70 55.48 23.54
N GLN B 21 0.79 54.61 23.12
CA GLN B 21 1.06 53.18 23.04
C GLN B 21 0.10 52.50 22.08
N SER B 22 0.48 51.34 21.56
CA SER B 22 -0.41 50.56 20.71
C SER B 22 -1.51 49.94 21.57
N MET B 23 -2.73 49.96 21.06
CA MET B 23 -3.86 49.40 21.79
C MET B 23 -4.61 48.35 20.97
N TYR B 24 -4.56 47.10 21.43
CA TYR B 24 -5.23 46.00 20.74
C TYR B 24 -6.66 45.84 21.26
N SER B 25 -7.59 45.62 20.34
CA SER B 25 -9.00 45.61 20.70
C SER B 25 -9.60 44.20 20.71
N ILE B 26 -10.49 43.97 21.67
CA ILE B 26 -11.21 42.70 21.77
C ILE B 26 -12.68 42.95 21.55
N GLU B 27 -13.25 42.30 20.54
CA GLU B 27 -14.64 42.51 20.19
C GLU B 27 -15.46 41.24 20.39
N MET B 28 -16.76 41.41 20.61
CA MET B 28 -17.67 40.29 20.76
C MET B 28 -18.02 39.74 19.39
N GLY B 29 -18.26 38.43 19.32
CA GLY B 29 -18.51 37.77 18.05
C GLY B 29 -19.39 36.54 18.21
N PRO B 30 -19.62 35.82 17.10
CA PRO B 30 -20.48 34.63 17.08
C PRO B 30 -19.94 33.54 18.00
N ARG B 31 -18.62 33.45 18.09
CA ARG B 31 -17.96 32.49 18.97
C ARG B 31 -17.61 33.13 20.32
N GLY B 32 -18.08 34.36 20.52
CA GLY B 32 -17.74 35.10 21.72
C GLY B 32 -16.56 36.03 21.49
N PRO B 33 -15.84 36.35 22.58
CA PRO B 33 -14.70 37.27 22.53
C PRO B 33 -13.67 36.88 21.48
N GLN B 34 -13.27 37.83 20.65
CA GLN B 34 -12.32 37.58 19.57
C GLN B 34 -11.49 38.83 19.32
N TRP B 35 -10.31 38.66 18.74
CA TRP B 35 -9.47 39.79 18.39
C TRP B 35 -10.11 40.58 17.26
N LYS B 36 -10.20 41.90 17.43
CA LYS B 36 -10.63 42.76 16.35
C LYS B 36 -9.59 42.70 15.24
N ALA B 37 -10.05 42.64 14.00
CA ALA B 37 -9.15 42.45 12.86
C ALA B 37 -8.17 43.61 12.69
N ASN B 38 -6.99 43.30 12.14
CA ASN B 38 -5.98 44.30 11.84
C ASN B 38 -6.50 45.27 10.78
N PRO B 39 -6.61 46.56 11.14
CA PRO B 39 -7.11 47.60 10.23
C PRO B 39 -6.22 47.80 9.01
N HIS B 40 -4.97 47.37 9.10
CA HIS B 40 -4.04 47.47 7.98
C HIS B 40 -3.43 46.11 7.66
N PRO B 41 -4.23 45.21 7.07
CA PRO B 41 -3.83 43.82 6.84
C PRO B 41 -2.77 43.69 5.75
N PHE B 42 -1.97 42.64 5.85
CA PHE B 42 -0.92 42.36 4.88
C PHE B 42 -0.56 40.88 4.90
N ALA B 43 0.17 40.44 3.89
CA ALA B 43 0.76 39.11 3.88
C ALA B 43 2.22 39.23 3.44
N CYS B 44 2.98 38.16 3.61
CA CYS B 44 4.40 38.20 3.25
C CYS B 44 4.88 36.86 2.71
N SER B 45 5.50 36.89 1.54
CA SER B 45 6.03 35.68 0.92
C SER B 45 7.47 35.44 1.35
N VAL B 46 7.84 34.18 1.47
CA VAL B 46 9.22 33.81 1.78
C VAL B 46 9.80 32.97 0.65
N GLU B 47 10.97 33.38 0.16
CA GLU B 47 11.60 32.70 -0.96
C GLU B 47 13.09 33.03 -1.04
N ASP B 48 13.76 32.52 -2.06
CA ASP B 48 15.18 32.78 -2.26
C ASP B 48 15.42 33.65 -3.49
N SER B 60 27.96 31.36 1.95
CA SER B 60 27.40 30.33 2.81
C SER B 60 26.51 30.93 3.92
N TYR B 61 25.55 31.74 3.51
CA TYR B 61 24.57 32.37 4.39
C TYR B 61 23.29 32.49 3.54
N ILE B 62 22.17 31.92 3.95
CA ILE B 62 20.95 32.06 3.15
C ILE B 62 20.11 33.27 3.57
N SER B 63 19.96 34.24 2.67
CA SER B 63 19.14 35.40 2.95
C SER B 63 17.77 35.31 2.27
N TYR B 64 16.75 34.90 3.03
CA TYR B 64 15.41 34.71 2.49
C TYR B 64 14.82 36.01 1.98
N LYS B 65 14.28 35.96 0.77
CA LYS B 65 13.67 37.12 0.13
C LYS B 65 12.23 37.28 0.60
N LEU B 66 12.00 38.29 1.44
CA LEU B 66 10.67 38.53 2.00
C LEU B 66 9.99 39.71 1.31
N THR B 67 8.82 39.46 0.73
CA THR B 67 8.05 40.51 0.08
C THR B 67 6.69 40.67 0.76
N PRO B 68 6.58 41.68 1.63
CA PRO B 68 5.28 41.99 2.26
C PRO B 68 4.43 42.85 1.34
N THR B 69 3.11 42.74 1.51
CA THR B 69 2.16 43.45 0.65
C THR B 69 2.28 44.97 0.77
N HIS B 70 2.60 45.44 1.98
CA HIS B 70 2.58 46.87 2.27
C HIS B 70 3.91 47.58 1.99
N ALA B 71 4.88 46.86 1.45
CA ALA B 71 6.17 47.45 1.14
C ALA B 71 6.41 47.59 -0.36
N ALA B 72 7.10 48.66 -0.74
CA ALA B 72 7.43 48.92 -2.14
C ALA B 72 8.60 48.05 -2.60
N SER B 73 9.52 47.77 -1.68
CA SER B 73 10.70 46.99 -2.01
C SER B 73 10.81 45.75 -1.13
N PRO B 74 11.26 44.63 -1.72
CA PRO B 74 11.45 43.37 -0.99
C PRO B 74 12.50 43.50 0.09
N VAL B 75 12.55 42.52 0.98
CA VAL B 75 13.45 42.55 2.12
C VAL B 75 14.14 41.20 2.30
N TYR B 76 15.45 41.22 2.56
CA TYR B 76 16.20 40.00 2.73
C TYR B 76 16.57 39.80 4.19
N ARG B 77 16.02 38.75 4.79
CA ARG B 77 16.29 38.45 6.18
C ARG B 77 16.75 37.02 6.35
N ARG B 78 17.65 36.85 7.29
CA ARG B 78 18.20 35.55 7.59
C ARG B 78 17.54 34.99 8.82
N TYR B 79 17.53 33.66 8.91
CA TYR B 79 17.02 32.95 10.08
C TYR B 79 17.53 33.56 11.36
N LYS B 80 18.78 34.05 11.35
CA LYS B 80 19.35 34.71 12.52
C LYS B 80 18.49 35.89 12.90
N HIS B 81 18.00 36.60 11.87
CA HIS B 81 17.10 37.72 12.08
C HIS B 81 15.71 37.23 12.48
N PHE B 82 15.30 36.07 11.99
CA PHE B 82 14.04 35.45 12.40
C PHE B 82 14.09 35.12 13.88
N ASP B 83 15.20 34.53 14.30
CA ASP B 83 15.39 34.11 15.69
C ASP B 83 15.43 35.31 16.62
N TRP B 84 15.96 36.43 16.13
CA TRP B 84 15.98 37.66 16.91
C TRP B 84 14.55 38.14 17.18
N LEU B 85 13.74 38.17 16.13
CA LEU B 85 12.35 38.61 16.23
C LEU B 85 11.55 37.68 17.14
N TYR B 86 11.78 36.37 16.97
CA TYR B 86 11.07 35.36 17.74
C TYR B 86 11.30 35.52 19.24
N ASN B 87 12.55 35.76 19.63
CA ASN B 87 12.88 36.00 21.03
C ASN B 87 12.20 37.25 21.56
N ARG B 88 12.10 38.26 20.71
CA ARG B 88 11.45 39.51 21.07
C ARG B 88 9.95 39.31 21.26
N LEU B 89 9.37 38.43 20.46
CA LEU B 89 7.94 38.11 20.56
C LEU B 89 7.60 37.41 21.87
N LEU B 90 8.45 36.46 22.26
CA LEU B 90 8.22 35.68 23.47
C LEU B 90 8.24 36.54 24.73
N HIS B 91 9.12 37.53 24.75
CA HIS B 91 9.26 38.40 25.91
C HIS B 91 8.16 39.47 25.93
N LYS B 92 7.48 39.64 24.81
CA LYS B 92 6.46 40.68 24.67
C LYS B 92 5.06 40.19 25.00
N PHE B 93 4.65 39.08 24.38
CA PHE B 93 3.28 38.60 24.48
C PHE B 93 3.13 37.41 25.43
N THR B 94 2.54 37.66 26.59
CA THR B 94 2.35 36.64 27.60
C THR B 94 1.12 35.75 27.36
N VAL B 95 0.03 36.36 26.90
CA VAL B 95 -1.22 35.63 26.74
C VAL B 95 -1.47 35.12 25.32
N ILE B 96 -0.56 35.41 24.40
CA ILE B 96 -0.73 35.04 23.01
C ILE B 96 0.24 33.93 22.60
N SER B 97 -0.25 32.94 21.88
CA SER B 97 0.60 31.86 21.41
C SER B 97 1.39 32.31 20.19
N VAL B 98 2.71 32.31 20.32
CA VAL B 98 3.60 32.74 19.25
C VAL B 98 4.14 31.52 18.51
N PRO B 99 3.96 31.49 17.18
CA PRO B 99 4.42 30.38 16.35
C PRO B 99 5.93 30.14 16.48
N HIS B 100 6.30 28.88 16.61
CA HIS B 100 7.71 28.51 16.76
C HIS B 100 8.44 28.42 15.43
N LEU B 101 9.72 28.77 15.45
CA LEU B 101 10.59 28.62 14.30
C LEU B 101 11.03 27.17 14.17
N PRO B 102 11.48 26.78 12.97
CA PRO B 102 12.11 25.47 12.76
C PRO B 102 13.44 25.36 13.51
N GLU B 103 13.96 24.15 13.64
CA GLU B 103 15.22 23.90 14.37
C GLU B 103 16.37 24.77 13.88
N LYS B 104 17.21 25.21 14.81
CA LYS B 104 18.39 26.01 14.48
C LYS B 104 19.44 25.16 13.78
N GLN B 105 19.47 23.87 14.12
CA GLN B 105 20.46 22.96 13.55
C GLN B 105 19.78 21.77 12.87
N ASP B 113 16.61 16.78 4.16
CA ASP B 113 16.30 18.04 3.47
C ASP B 113 16.07 19.17 4.47
N PHE B 114 17.01 19.36 5.38
CA PHE B 114 16.89 20.36 6.43
C PHE B 114 16.63 21.76 5.87
N ILE B 115 17.37 22.12 4.82
CA ILE B 115 17.24 23.42 4.19
C ILE B 115 15.85 23.63 3.61
N GLU B 116 15.36 22.64 2.87
CA GLU B 116 14.05 22.71 2.25
C GLU B 116 12.94 22.73 3.31
N LYS B 117 13.07 21.87 4.31
CA LYS B 117 12.09 21.79 5.40
C LYS B 117 12.00 23.12 6.14
N ARG B 118 13.14 23.79 6.29
CA ARG B 118 13.18 25.08 6.97
C ARG B 118 12.33 26.13 6.28
N LYS B 119 12.41 26.20 4.96
CA LYS B 119 11.67 27.20 4.20
C LYS B 119 10.16 26.96 4.25
N ARG B 120 9.76 25.70 4.11
CA ARG B 120 8.35 25.33 4.17
C ARG B 120 7.75 25.76 5.50
N ARG B 121 8.51 25.58 6.57
CA ARG B 121 8.00 25.87 7.91
C ARG B 121 8.14 27.35 8.28
N LEU B 122 9.06 28.05 7.63
CA LEU B 122 9.17 29.50 7.79
C LEU B 122 7.99 30.17 7.08
N ILE B 123 7.53 29.56 6.00
CA ILE B 123 6.35 30.05 5.29
C ILE B 123 5.11 29.88 6.16
N LEU B 124 4.95 28.69 6.74
CA LEU B 124 3.84 28.41 7.64
C LEU B 124 3.88 29.32 8.86
N TRP B 125 5.08 29.61 9.33
CA TRP B 125 5.28 30.52 10.45
C TRP B 125 4.85 31.93 10.06
N MET B 126 5.32 32.38 8.90
CA MET B 126 5.01 33.72 8.41
C MET B 126 3.51 33.94 8.22
N ASP B 127 2.84 32.96 7.64
CA ASP B 127 1.40 33.07 7.39
C ASP B 127 0.62 33.20 8.70
N HIS B 128 1.04 32.46 9.71
CA HIS B 128 0.37 32.51 11.00
C HIS B 128 0.62 33.85 11.68
N MET B 129 1.79 34.42 11.42
CA MET B 129 2.13 35.74 11.93
C MET B 129 1.26 36.83 11.31
N THR B 130 1.18 36.83 9.97
CA THR B 130 0.44 37.85 9.25
C THR B 130 -1.07 37.75 9.45
N SER B 131 -1.56 36.54 9.72
CA SER B 131 -2.98 36.32 9.91
C SER B 131 -3.43 36.47 11.37
N HIS B 132 -2.47 36.78 12.25
CA HIS B 132 -2.82 37.05 13.64
C HIS B 132 -3.03 38.55 13.85
N PRO B 133 -4.22 38.93 14.32
CA PRO B 133 -4.63 40.33 14.45
C PRO B 133 -3.71 41.16 15.35
N VAL B 134 -3.06 40.52 16.31
CA VAL B 134 -2.18 41.24 17.23
C VAL B 134 -0.71 41.14 16.84
N LEU B 135 -0.27 39.92 16.51
CA LEU B 135 1.13 39.71 16.16
C LEU B 135 1.54 40.44 14.88
N SER B 136 0.58 40.64 13.97
CA SER B 136 0.87 41.32 12.72
C SER B 136 1.04 42.82 12.90
N GLN B 137 0.60 43.35 14.05
CA GLN B 137 0.70 44.78 14.32
C GLN B 137 1.89 45.12 15.19
N TYR B 138 2.63 44.10 15.60
CA TYR B 138 3.81 44.30 16.46
C TYR B 138 4.88 45.11 15.73
N GLU B 139 5.33 46.18 16.36
CA GLU B 139 6.30 47.09 15.76
C GLU B 139 7.61 46.40 15.38
N GLY B 140 8.04 45.45 16.22
CA GLY B 140 9.25 44.69 15.95
C GLY B 140 9.10 43.84 14.70
N PHE B 141 7.86 43.41 14.43
CA PHE B 141 7.57 42.66 13.23
C PHE B 141 7.62 43.59 12.01
N GLN B 142 7.08 44.80 12.18
CA GLN B 142 7.06 45.79 11.10
C GLN B 142 8.47 46.21 10.71
N HIS B 143 9.33 46.43 11.70
CA HIS B 143 10.71 46.79 11.46
C HIS B 143 11.45 45.65 10.76
N PHE B 144 11.03 44.42 11.08
CA PHE B 144 11.62 43.23 10.49
C PHE B 144 11.29 43.13 9.00
N LEU B 145 10.13 43.65 8.61
CA LEU B 145 9.63 43.47 7.25
C LEU B 145 9.82 44.69 6.35
N SER B 146 10.06 45.86 6.93
CA SER B 146 10.08 47.08 6.15
C SER B 146 11.46 47.74 6.04
N CYS B 147 12.31 47.52 7.02
CA CYS B 147 13.60 48.20 7.09
C CYS B 147 14.53 47.82 5.94
N LEU B 148 15.04 48.84 5.25
CA LEU B 148 15.97 48.64 4.15
C LEU B 148 17.39 49.00 4.58
N ASP B 149 17.59 50.28 4.92
CA ASP B 149 18.88 50.78 5.37
C ASP B 149 19.41 50.01 6.57
N ASP B 150 20.67 49.59 6.50
CA ASP B 150 21.29 48.81 7.58
C ASP B 150 21.57 49.66 8.82
N LYS B 151 21.76 50.96 8.61
CA LYS B 151 22.02 51.87 9.71
C LYS B 151 20.78 51.99 10.58
N GLN B 152 19.61 51.97 9.94
CA GLN B 152 18.34 52.04 10.65
C GLN B 152 17.97 50.69 11.24
N TRP B 153 18.59 49.63 10.70
CA TRP B 153 18.34 48.28 11.16
C TRP B 153 18.78 48.07 12.61
N LYS B 154 20.00 48.50 12.91
CA LYS B 154 20.54 48.38 14.26
C LYS B 154 19.72 49.17 15.27
N MET B 155 19.33 50.39 14.91
CA MET B 155 18.55 51.24 15.79
C MET B 155 17.18 50.63 16.08
N GLY B 156 16.53 50.12 15.04
CA GLY B 156 15.21 49.53 15.17
C GLY B 156 15.20 48.27 16.01
N LYS B 157 16.35 47.60 16.08
CA LYS B 157 16.48 46.41 16.92
C LYS B 157 16.50 46.79 18.39
N ARG B 158 17.36 47.72 18.76
CA ARG B 158 17.47 48.18 20.13
C ARG B 158 16.19 48.89 20.57
N ARG B 159 15.54 49.53 19.60
CA ARG B 159 14.29 50.25 19.84
C ARG B 159 13.17 49.29 20.23
N ALA B 160 13.24 48.08 19.70
CA ALA B 160 12.24 47.06 19.99
C ALA B 160 12.65 46.24 21.22
N GLU B 161 13.84 46.50 21.73
CA GLU B 161 14.35 45.76 22.89
C GLU B 161 14.00 46.46 24.22
N LYS B 162 13.50 47.68 24.14
CA LYS B 162 13.05 48.39 25.34
C LYS B 162 11.53 48.35 25.47
N ASP B 163 10.88 47.84 24.43
CA ASP B 163 9.45 47.55 24.43
C ASP B 163 9.33 46.27 23.61
N GLU B 164 9.31 45.09 24.23
CA GLU B 164 9.06 44.86 25.65
C GLU B 164 10.26 45.29 26.52
N MET B 165 10.17 45.29 27.87
CA MET B 165 9.21 44.56 28.72
C MET B 165 7.82 45.13 28.94
N VAL B 166 7.47 46.23 28.28
CA VAL B 166 6.09 46.73 28.35
C VAL B 166 5.14 45.64 27.87
N GLY B 167 4.21 45.25 28.74
CA GLY B 167 3.39 44.06 28.50
C GLY B 167 2.34 44.07 27.40
N ALA B 168 1.36 44.98 27.52
CA ALA B 168 0.19 44.92 26.65
C ALA B 168 -0.71 46.16 26.80
N SER B 169 -1.84 46.12 26.11
CA SER B 169 -2.86 47.17 26.23
C SER B 169 -4.24 46.58 26.47
N PHE B 170 -4.79 45.95 25.44
CA PHE B 170 -6.08 45.27 25.52
C PHE B 170 -7.26 46.15 25.93
N LEU B 171 -7.69 47.03 25.03
CA LEU B 171 -8.96 47.74 25.23
C LEU B 171 -10.11 46.81 24.84
N LEU B 172 -11.27 47.04 25.41
CA LEU B 172 -12.43 46.20 25.16
C LEU B 172 -13.54 47.01 24.50
N THR B 173 -13.88 46.65 23.27
CA THR B 173 -14.80 47.45 22.46
C THR B 173 -16.27 47.36 22.91
N PHE B 174 -16.69 46.15 23.28
CA PHE B 174 -18.08 45.92 23.65
C PHE B 174 -18.37 46.29 25.09
N GLN B 175 -19.58 45.97 25.55
CA GLN B 175 -19.94 46.15 26.95
C GLN B 175 -20.01 44.78 27.62
N ILE B 176 -19.44 44.68 28.82
CA ILE B 176 -19.35 43.40 29.53
C ILE B 176 -20.73 42.86 29.88
N PRO B 177 -21.07 41.68 29.34
CA PRO B 177 -22.37 41.04 29.59
C PRO B 177 -22.50 40.56 31.03
N THR B 178 -23.65 39.98 31.36
CA THR B 178 -23.88 39.44 32.70
C THR B 178 -23.34 38.02 32.82
N GLU B 179 -23.01 37.43 31.68
CA GLU B 179 -22.47 36.07 31.65
C GLU B 179 -20.99 36.04 32.01
N HIS B 180 -20.28 37.11 31.65
CA HIS B 180 -18.84 37.19 31.90
C HIS B 180 -18.50 37.91 33.21
N GLN B 181 -19.53 38.32 33.94
CA GLN B 181 -19.33 39.01 35.22
C GLN B 181 -18.63 38.11 36.23
N ASP B 182 -18.96 36.83 36.20
CA ASP B 182 -18.30 35.86 37.07
C ASP B 182 -17.00 35.37 36.45
N LEU B 183 -15.89 35.64 37.12
CA LEU B 183 -14.59 35.16 36.67
C LEU B 183 -14.50 33.64 36.85
N GLN B 184 -15.42 33.10 37.64
CA GLN B 184 -15.50 31.66 37.84
C GLN B 184 -15.91 30.98 36.54
N ASP B 185 -16.88 31.56 35.84
CA ASP B 185 -17.33 31.02 34.56
C ASP B 185 -16.23 31.11 33.52
N VAL B 186 -15.40 32.16 33.61
CA VAL B 186 -14.29 32.33 32.70
C VAL B 186 -13.18 31.33 33.00
N GLU B 187 -12.94 31.08 34.29
CA GLU B 187 -11.91 30.14 34.70
C GLU B 187 -12.31 28.70 34.33
N ASP B 188 -13.60 28.41 34.38
CA ASP B 188 -14.11 27.11 33.97
C ASP B 188 -13.90 26.90 32.47
N ARG B 189 -13.98 28.00 31.71
CA ARG B 189 -13.71 27.97 30.28
C ARG B 189 -12.25 27.64 30.03
N VAL B 190 -11.37 28.25 30.81
CA VAL B 190 -9.94 28.05 30.69
C VAL B 190 -9.55 26.60 31.00
N ASP B 191 -10.20 26.02 32.00
CA ASP B 191 -9.91 24.65 32.41
C ASP B 191 -10.26 23.64 31.33
N THR B 192 -11.39 23.85 30.67
CA THR B 192 -11.82 22.96 29.59
C THR B 192 -10.88 23.06 28.40
N PHE B 193 -10.32 24.24 28.19
CA PHE B 193 -9.38 24.44 27.09
C PHE B 193 -8.03 23.81 27.40
N LYS B 194 -7.66 23.78 28.67
CA LYS B 194 -6.41 23.17 29.08
C LYS B 194 -6.46 21.67 28.83
N ALA B 195 -7.54 21.03 29.28
CA ALA B 195 -7.74 19.61 29.08
C ALA B 195 -7.79 19.28 27.59
N PHE B 196 -8.46 20.14 26.83
CA PHE B 196 -8.55 19.98 25.38
C PHE B 196 -7.17 20.05 24.73
N SER B 197 -6.39 21.05 25.12
CA SER B 197 -5.08 21.28 24.53
C SER B 197 -4.12 20.15 24.87
N LYS B 198 -4.35 19.49 25.99
CA LYS B 198 -3.53 18.36 26.41
C LYS B 198 -3.75 17.17 25.49
N LYS B 199 -5.01 16.82 25.23
CA LYS B 199 -5.32 15.70 24.35
C LYS B 199 -5.05 16.01 22.89
N MET B 200 -5.18 17.27 22.51
CA MET B 200 -4.82 17.66 21.14
C MET B 200 -3.31 17.56 20.96
N ASP B 201 -2.55 17.93 21.99
CA ASP B 201 -1.10 17.81 21.95
C ASP B 201 -0.70 16.34 21.83
N ASP B 202 -1.50 15.46 22.42
CA ASP B 202 -1.28 14.02 22.32
C ASP B 202 -1.58 13.51 20.91
N SER B 203 -2.76 13.86 20.41
CA SER B 203 -3.20 13.39 19.11
C SER B 203 -2.33 13.91 17.97
N VAL B 204 -1.88 15.16 18.09
CA VAL B 204 -0.98 15.75 17.11
C VAL B 204 0.37 15.05 17.12
N LEU B 205 0.91 14.84 18.32
CA LEU B 205 2.19 14.16 18.48
C LEU B 205 2.12 12.72 17.96
N GLN B 206 1.02 12.04 18.26
CA GLN B 206 0.82 10.66 17.83
C GLN B 206 0.70 10.58 16.30
N LEU B 207 -0.01 11.54 15.72
CA LEU B 207 -0.17 11.60 14.27
C LEU B 207 1.15 11.93 13.59
N SER B 208 1.89 12.87 14.19
CA SER B 208 3.18 13.28 13.67
C SER B 208 4.19 12.13 13.74
N THR B 209 4.04 11.29 14.76
CA THR B 209 4.91 10.12 14.91
C THR B 209 4.56 9.06 13.88
N VAL B 210 3.27 8.84 13.67
CA VAL B 210 2.80 7.89 12.67
C VAL B 210 3.22 8.29 11.26
N ALA B 211 3.09 9.57 10.94
CA ALA B 211 3.47 10.09 9.63
C ALA B 211 4.96 9.88 9.36
N SER B 212 5.78 10.17 10.36
CA SER B 212 7.23 10.01 10.23
C SER B 212 7.62 8.55 10.06
N GLU B 213 6.83 7.66 10.64
CA GLU B 213 7.06 6.23 10.49
C GLU B 213 6.68 5.77 9.08
N LEU B 214 5.59 6.34 8.56
CA LEU B 214 5.15 6.04 7.20
C LEU B 214 6.19 6.45 6.18
N VAL B 215 6.89 7.55 6.45
CA VAL B 215 7.95 8.02 5.57
C VAL B 215 9.03 6.95 5.42
N ARG B 216 9.48 6.40 6.54
CA ARG B 216 10.48 5.35 6.52
C ARG B 216 9.91 4.05 5.96
N LYS B 217 8.62 3.82 6.22
CA LYS B 217 7.93 2.63 5.71
C LYS B 217 7.76 2.73 4.20
N HIS B 218 7.65 3.95 3.69
CA HIS B 218 7.54 4.18 2.25
C HIS B 218 8.89 4.01 1.55
N VAL B 219 9.95 4.50 2.18
CA VAL B 219 11.29 4.42 1.62
C VAL B 219 11.85 3.00 1.81
N GLY B 220 11.29 2.28 2.77
CA GLY B 220 11.79 0.94 3.09
C GLY B 220 10.87 -0.19 2.70
N GLY B 221 9.97 -0.56 3.62
CA GLY B 221 9.11 -1.72 3.47
C GLY B 221 8.24 -1.72 2.22
N PHE B 222 7.57 -0.61 1.96
CA PHE B 222 6.68 -0.51 0.80
C PHE B 222 7.43 -0.72 -0.51
N ARG B 223 8.55 -0.02 -0.66
CA ARG B 223 9.38 -0.15 -1.86
C ARG B 223 9.89 -1.58 -2.00
N LYS B 224 10.30 -2.16 -0.88
CA LYS B 224 10.89 -3.50 -0.87
C LYS B 224 9.92 -4.57 -1.37
N GLU B 225 8.67 -4.49 -0.94
CA GLU B 225 7.67 -5.50 -1.30
C GLU B 225 7.34 -5.47 -2.79
N PHE B 226 7.24 -4.28 -3.36
CA PHE B 226 6.96 -4.13 -4.78
C PHE B 226 8.16 -4.54 -5.64
N GLN B 227 9.35 -4.40 -5.07
CA GLN B 227 10.58 -4.73 -5.81
C GLN B 227 10.92 -6.21 -5.74
N LYS B 228 10.47 -6.89 -4.69
CA LYS B 228 10.65 -8.33 -4.60
C LYS B 228 9.72 -9.03 -5.60
N LEU B 229 8.56 -8.42 -5.82
CA LEU B 229 7.58 -8.96 -6.76
C LEU B 229 8.06 -8.78 -8.20
N GLY B 230 8.56 -7.59 -8.51
CA GLY B 230 9.07 -7.30 -9.84
C GLY B 230 10.29 -8.14 -10.17
N SER B 231 11.13 -8.38 -9.16
CA SER B 231 12.33 -9.19 -9.32
C SER B 231 11.95 -10.65 -9.59
N ALA B 232 10.81 -11.06 -9.04
CA ALA B 232 10.30 -12.41 -9.23
C ALA B 232 9.76 -12.58 -10.65
N PHE B 233 9.06 -11.55 -11.13
CA PHE B 233 8.51 -11.55 -12.48
C PHE B 233 9.63 -11.56 -13.53
N GLN B 234 10.78 -11.01 -13.15
CA GLN B 234 11.94 -11.01 -14.03
C GLN B 234 12.58 -12.39 -14.03
N ALA B 235 12.50 -13.07 -12.88
CA ALA B 235 13.06 -14.41 -12.76
C ALA B 235 12.26 -15.41 -13.59
N ILE B 236 10.93 -15.23 -13.60
CA ILE B 236 10.05 -16.05 -14.41
C ILE B 236 10.40 -15.88 -15.88
N SER B 237 10.61 -14.64 -16.29
CA SER B 237 10.92 -14.32 -17.68
C SER B 237 12.25 -14.94 -18.11
N HIS B 238 13.28 -14.75 -17.30
CA HIS B 238 14.61 -15.30 -17.58
C HIS B 238 14.57 -16.81 -17.77
N SER B 239 13.73 -17.47 -16.97
CA SER B 239 13.58 -18.92 -17.07
C SER B 239 12.86 -19.29 -18.37
N PHE B 240 11.98 -18.42 -18.81
CA PHE B 240 11.20 -18.67 -20.02
C PHE B 240 11.99 -18.36 -21.29
N GLN B 241 13.23 -17.91 -21.13
CA GLN B 241 14.07 -17.59 -22.27
C GLN B 241 15.10 -18.69 -22.53
N MET B 242 14.99 -19.78 -21.79
CA MET B 242 15.98 -20.85 -21.87
C MET B 242 15.55 -21.98 -22.81
N ASP B 243 14.63 -21.69 -23.72
CA ASP B 243 14.22 -22.65 -24.73
C ASP B 243 13.67 -21.91 -25.95
N PRO B 244 14.58 -21.36 -26.78
CA PRO B 244 14.27 -20.47 -27.91
C PRO B 244 13.15 -20.89 -28.87
N PRO B 245 13.09 -22.16 -29.31
CA PRO B 245 12.01 -22.43 -30.28
C PRO B 245 10.68 -22.66 -29.60
N PHE B 246 10.68 -22.89 -28.29
CA PHE B 246 9.46 -23.23 -27.57
C PHE B 246 8.96 -22.10 -26.68
N CYS B 247 9.50 -20.89 -26.88
CA CYS B 247 9.11 -19.75 -26.06
C CYS B 247 8.72 -18.55 -26.89
N SER B 248 7.71 -17.83 -26.44
CA SER B 248 7.26 -16.60 -27.10
C SER B 248 8.05 -15.41 -26.58
N GLU B 249 8.64 -14.65 -27.50
CA GLU B 249 9.42 -13.48 -27.13
C GLU B 249 8.51 -12.35 -26.65
N ALA B 250 7.28 -12.35 -27.15
CA ALA B 250 6.30 -11.34 -26.76
C ALA B 250 5.89 -11.51 -25.30
N LEU B 251 5.56 -12.73 -24.92
CA LEU B 251 5.16 -13.03 -23.55
C LEU B 251 6.30 -12.80 -22.57
N ASN B 252 7.49 -13.30 -22.93
CA ASN B 252 8.68 -13.14 -22.10
C ASN B 252 9.03 -11.68 -21.87
N SER B 253 8.71 -10.83 -22.85
CA SER B 253 8.94 -9.40 -22.74
C SER B 253 7.85 -8.73 -21.92
N ALA B 254 6.63 -9.23 -22.05
CA ALA B 254 5.49 -8.70 -21.30
C ALA B 254 5.66 -8.95 -19.80
N ILE B 255 6.00 -10.18 -19.45
CA ILE B 255 6.24 -10.55 -18.06
C ILE B 255 7.44 -9.77 -17.52
N SER B 256 8.42 -9.57 -18.38
CA SER B 256 9.60 -8.79 -18.02
C SER B 256 9.22 -7.32 -17.85
N HIS B 257 8.26 -6.87 -18.65
CA HIS B 257 7.78 -5.49 -18.57
C HIS B 257 7.04 -5.25 -17.25
N THR B 258 6.29 -6.26 -16.82
CA THR B 258 5.57 -6.18 -15.55
C THR B 258 6.55 -6.21 -14.39
N GLY B 259 7.68 -6.90 -14.59
CA GLY B 259 8.73 -6.96 -13.60
C GLY B 259 9.33 -5.59 -13.34
N ARG B 260 9.65 -4.88 -14.42
CA ARG B 260 10.22 -3.54 -14.31
C ARG B 260 9.15 -2.55 -13.84
N THR B 261 7.89 -2.87 -14.14
CA THR B 261 6.77 -2.01 -13.76
C THR B 261 6.61 -1.95 -12.24
N TYR B 262 6.55 -3.11 -11.61
CA TYR B 262 6.41 -3.18 -10.16
C TYR B 262 7.64 -2.61 -9.45
N GLU B 263 8.80 -2.76 -10.10
CA GLU B 263 10.03 -2.20 -9.56
C GLU B 263 10.03 -0.67 -9.65
N ALA B 264 9.27 -0.14 -10.60
CA ALA B 264 9.13 1.31 -10.76
C ALA B 264 8.09 1.85 -9.79
N ILE B 265 7.07 1.05 -9.51
CA ILE B 265 6.05 1.42 -8.53
C ILE B 265 6.67 1.49 -7.14
N GLY B 266 7.58 0.57 -6.86
CA GLY B 266 8.31 0.58 -5.61
C GLY B 266 9.05 1.88 -5.43
N GLU B 267 9.59 2.42 -6.52
CA GLU B 267 10.30 3.69 -6.48
C GLU B 267 9.34 4.86 -6.33
N MET B 268 8.10 4.67 -6.75
CA MET B 268 7.07 5.69 -6.61
C MET B 268 6.66 5.83 -5.14
N PHE B 269 6.58 4.70 -4.45
CA PHE B 269 6.28 4.69 -3.03
C PHE B 269 7.38 5.38 -2.24
N ALA B 270 8.62 5.19 -2.69
CA ALA B 270 9.77 5.78 -2.02
C ALA B 270 9.82 7.29 -2.19
N GLU B 271 9.29 7.78 -3.32
CA GLU B 271 9.34 9.20 -3.63
C GLU B 271 8.04 9.92 -3.30
N GLN B 272 7.08 9.20 -2.74
CA GLN B 272 5.78 9.77 -2.44
C GLN B 272 5.66 10.71 -1.22
N PRO B 273 6.30 10.38 -0.08
CA PRO B 273 6.18 11.24 1.11
C PRO B 273 6.47 12.73 0.88
N LYS B 274 7.30 13.06 -0.11
CA LYS B 274 7.62 14.45 -0.40
C LYS B 274 6.42 15.22 -0.95
N ASN B 275 5.42 14.49 -1.41
CA ASN B 275 4.22 15.11 -2.00
C ASN B 275 3.08 15.32 -1.00
N ASP B 276 2.99 14.46 0.00
CA ASP B 276 1.87 14.52 0.95
C ASP B 276 2.29 14.50 2.43
N LEU B 277 3.14 13.56 2.80
CA LEU B 277 3.53 13.38 4.20
C LEU B 277 4.38 14.54 4.74
N PHE B 278 5.25 15.07 3.88
CA PHE B 278 6.14 16.16 4.28
C PHE B 278 5.34 17.41 4.68
N GLN B 279 4.36 17.76 3.85
CA GLN B 279 3.55 18.94 4.09
C GLN B 279 2.62 18.78 5.29
N MET B 280 2.19 17.55 5.54
CA MET B 280 1.37 17.26 6.70
C MET B 280 2.19 17.44 7.98
N LEU B 281 3.40 16.92 7.97
CA LEU B 281 4.31 17.05 9.11
C LEU B 281 4.63 18.50 9.41
N ASP B 282 4.82 19.29 8.36
CA ASP B 282 5.07 20.72 8.50
C ASP B 282 3.90 21.40 9.23
N THR B 283 2.69 21.02 8.85
CA THR B 283 1.48 21.58 9.44
C THR B 283 1.34 21.19 10.91
N LEU B 284 1.56 19.90 11.20
CA LEU B 284 1.50 19.41 12.57
C LEU B 284 2.60 20.06 13.41
N SER B 285 3.76 20.27 12.80
CA SER B 285 4.89 20.91 13.48
C SER B 285 4.56 22.32 13.93
N LEU B 286 3.79 23.03 13.13
CA LEU B 286 3.35 24.38 13.46
C LEU B 286 2.50 24.37 14.73
N TYR B 287 1.66 23.35 14.87
CA TYR B 287 0.76 23.26 15.99
C TYR B 287 1.38 22.60 17.22
N GLN B 288 2.54 21.97 17.03
CA GLN B 288 3.33 21.50 18.16
C GLN B 288 3.77 22.70 18.98
N GLY B 289 4.29 23.70 18.29
CA GLY B 289 4.80 24.91 18.93
C GLY B 289 3.71 25.78 19.53
N LEU B 290 2.58 25.88 18.84
CA LEU B 290 1.47 26.66 19.34
C LEU B 290 0.92 26.06 20.63
N LEU B 291 0.67 24.75 20.61
CA LEU B 291 0.16 24.05 21.78
C LEU B 291 1.13 24.03 22.95
N SER B 292 2.42 24.14 22.65
CA SER B 292 3.44 24.10 23.69
C SER B 292 3.51 25.40 24.47
N ASN B 293 2.96 26.46 23.89
CA ASN B 293 2.91 27.77 24.54
C ASN B 293 1.84 27.82 25.61
N PHE B 294 0.74 27.11 25.36
CA PHE B 294 -0.43 27.13 26.23
C PHE B 294 -0.23 26.75 27.71
N PRO B 295 0.60 25.73 28.01
CA PRO B 295 0.83 25.39 29.42
C PRO B 295 1.25 26.59 30.28
N ASP B 296 2.18 27.41 29.78
CA ASP B 296 2.60 28.59 30.51
C ASP B 296 1.53 29.69 30.47
N ILE B 297 0.94 29.90 29.31
CA ILE B 297 -0.11 30.90 29.14
C ILE B 297 -1.27 30.67 30.09
N ILE B 298 -1.67 29.42 30.22
CA ILE B 298 -2.77 29.04 31.11
C ILE B 298 -2.35 29.12 32.57
N HIS B 299 -1.09 28.75 32.85
CA HIS B 299 -0.55 28.82 34.19
C HIS B 299 -0.58 30.23 34.74
N LEU B 300 -0.26 31.20 33.88
CA LEU B 300 -0.26 32.60 34.26
C LEU B 300 -1.67 33.06 34.64
N GLN B 301 -2.64 32.73 33.79
CA GLN B 301 -4.02 33.19 33.98
C GLN B 301 -4.66 32.56 35.22
N LYS B 302 -4.34 31.30 35.50
CA LYS B 302 -4.83 30.64 36.69
C LYS B 302 -4.19 31.26 37.93
N GLY B 303 -3.00 31.81 37.76
CA GLY B 303 -2.33 32.53 38.82
C GLY B 303 -2.99 33.86 39.09
N ALA B 304 -3.54 34.45 38.04
CA ALA B 304 -4.26 35.71 38.17
C ALA B 304 -5.62 35.50 38.82
N PHE B 305 -6.24 34.37 38.51
CA PHE B 305 -7.53 34.01 39.10
C PHE B 305 -7.39 33.79 40.60
N ALA B 306 -6.28 33.17 41.00
CA ALA B 306 -6.02 32.92 42.40
C ALA B 306 -5.69 34.22 43.13
N LYS B 307 -5.04 35.14 42.41
CA LYS B 307 -4.67 36.43 42.98
C LYS B 307 -5.91 37.29 43.23
N VAL B 308 -6.95 37.05 42.45
CA VAL B 308 -8.22 37.77 42.62
C VAL B 308 -8.95 37.28 43.87
N LYS B 309 -9.09 35.97 43.99
CA LYS B 309 -9.75 35.37 45.14
C LYS B 309 -8.97 35.65 46.43
N GLU B 310 -7.66 35.71 46.31
CA GLU B 310 -6.80 35.99 47.46
C GLU B 310 -6.95 37.45 47.90
N SER B 311 -6.86 38.36 46.94
CA SER B 311 -6.96 39.79 47.23
C SER B 311 -8.30 40.13 47.85
N GLN B 312 -9.37 39.54 47.32
CA GLN B 312 -10.71 39.80 47.83
C GLN B 312 -10.89 39.23 49.24
N ARG B 313 -10.46 37.99 49.43
CA ARG B 313 -10.59 37.33 50.73
C ARG B 313 -9.76 38.08 51.77
N MET B 314 -8.59 38.55 51.37
CA MET B 314 -7.73 39.32 52.25
C MET B 314 -8.37 40.67 52.58
N SER B 315 -9.15 41.19 51.62
CA SER B 315 -9.87 42.44 51.83
C SER B 315 -11.06 42.24 52.74
N ASP B 316 -11.50 40.99 52.87
CA ASP B 316 -12.62 40.66 53.73
C ASP B 316 -12.14 40.46 55.17
N GLU B 317 -10.87 40.09 55.33
CA GLU B 317 -10.27 39.93 56.64
C GLU B 317 -9.88 41.29 57.22
N GLY B 318 -9.48 42.20 56.33
CA GLY B 318 -9.08 43.53 56.73
C GLY B 318 -7.61 43.79 56.49
N ARG B 319 -6.92 42.79 55.94
CA ARG B 319 -5.48 42.90 55.67
C ARG B 319 -5.20 43.42 54.26
N MET B 320 -6.26 43.75 53.53
CA MET B 320 -6.11 44.24 52.16
C MET B 320 -7.13 45.33 51.87
N VAL B 321 -6.73 46.34 51.10
CA VAL B 321 -7.63 47.41 50.70
C VAL B 321 -8.54 46.92 49.59
N GLN B 322 -9.78 47.41 49.57
CA GLN B 322 -10.78 46.94 48.62
C GLN B 322 -10.54 47.45 47.20
N ASP B 323 -10.26 48.74 47.06
CA ASP B 323 -10.07 49.34 45.75
C ASP B 323 -8.86 48.77 45.02
N GLU B 324 -7.85 48.37 45.78
CA GLU B 324 -6.66 47.75 45.20
C GLU B 324 -6.99 46.33 44.75
N ALA B 325 -7.87 45.67 45.51
CA ALA B 325 -8.33 44.34 45.17
C ALA B 325 -9.32 44.38 44.01
N ASP B 326 -9.91 45.55 43.80
CA ASP B 326 -10.80 45.77 42.66
C ASP B 326 -9.98 45.91 41.38
N GLY B 327 -8.86 46.60 41.48
CA GLY B 327 -7.97 46.79 40.35
C GLY B 327 -7.41 45.46 39.87
N ILE B 328 -7.15 44.56 40.80
CA ILE B 328 -6.66 43.23 40.48
C ILE B 328 -7.73 42.44 39.73
N ARG B 329 -8.96 42.52 40.21
CA ARG B 329 -10.08 41.82 39.59
C ARG B 329 -10.30 42.30 38.16
N ARG B 330 -10.44 43.60 37.99
CA ARG B 330 -10.73 44.19 36.68
C ARG B 330 -9.62 43.94 35.67
N ARG B 331 -8.37 43.94 36.13
CA ARG B 331 -7.24 43.67 35.25
C ARG B 331 -7.24 42.20 34.82
N CYS B 332 -7.53 41.32 35.77
CA CYS B 332 -7.59 39.89 35.50
C CYS B 332 -8.75 39.58 34.55
N ARG B 333 -9.80 40.38 34.66
CA ARG B 333 -10.97 40.22 33.79
C ARG B 333 -10.58 40.54 32.34
N VAL B 334 -9.92 41.67 32.15
CA VAL B 334 -9.54 42.13 30.82
C VAL B 334 -8.61 41.15 30.10
N VAL B 335 -7.58 40.69 30.79
CA VAL B 335 -6.66 39.71 30.22
C VAL B 335 -7.34 38.35 30.07
N GLY B 336 -8.44 38.17 30.79
CA GLY B 336 -9.24 36.96 30.64
C GLY B 336 -9.93 36.96 29.29
N PHE B 337 -10.38 38.13 28.88
CA PHE B 337 -10.99 38.30 27.56
C PHE B 337 -9.94 38.13 26.46
N ALA B 338 -8.73 38.58 26.73
CA ALA B 338 -7.62 38.43 25.79
C ALA B 338 -7.35 36.96 25.53
N LEU B 339 -7.22 36.19 26.61
CA LEU B 339 -7.01 34.76 26.51
C LEU B 339 -8.15 34.10 25.76
N GLN B 340 -9.38 34.50 26.08
CA GLN B 340 -10.56 33.98 25.40
C GLN B 340 -10.52 34.32 23.91
N ALA B 341 -10.01 35.50 23.59
CA ALA B 341 -9.86 35.90 22.19
C ALA B 341 -8.79 35.07 21.50
N GLU B 342 -7.76 34.68 22.26
CA GLU B 342 -6.66 33.89 21.72
C GLU B 342 -7.07 32.45 21.48
N MET B 343 -7.79 31.87 22.43
CA MET B 343 -8.28 30.51 22.30
C MET B 343 -9.26 30.44 21.14
N ASN B 344 -10.01 31.52 20.96
CA ASN B 344 -10.95 31.63 19.85
C ASN B 344 -10.21 31.69 18.52
N HIS B 345 -9.15 32.50 18.49
CA HIS B 345 -8.34 32.63 17.28
C HIS B 345 -7.60 31.35 16.97
N PHE B 346 -7.22 30.61 18.01
CA PHE B 346 -6.53 29.34 17.84
C PHE B 346 -7.45 28.33 17.15
N HIS B 347 -8.67 28.22 17.63
CA HIS B 347 -9.65 27.30 17.05
C HIS B 347 -9.97 27.68 15.61
N GLN B 348 -10.02 28.98 15.36
CA GLN B 348 -10.35 29.50 14.03
C GLN B 348 -9.27 29.13 13.02
N ARG B 349 -8.01 29.28 13.40
CA ARG B 349 -6.90 28.92 12.54
C ARG B 349 -6.75 27.41 12.45
N ARG B 350 -7.05 26.73 13.55
CA ARG B 350 -6.97 25.27 13.61
C ARG B 350 -7.89 24.64 12.57
N GLU B 351 -9.14 25.07 12.57
CA GLU B 351 -10.14 24.53 11.64
C GLU B 351 -9.77 24.78 10.18
N LEU B 352 -9.22 25.96 9.90
CA LEU B 352 -8.75 26.28 8.56
C LEU B 352 -7.56 25.42 8.15
N ASP B 353 -6.57 25.36 9.04
CA ASP B 353 -5.33 24.64 8.74
C ASP B 353 -5.50 23.12 8.64
N PHE B 354 -6.33 22.55 9.50
CA PHE B 354 -6.55 21.11 9.51
C PHE B 354 -7.45 20.65 8.37
N LYS B 355 -8.36 21.52 7.95
CA LYS B 355 -9.19 21.25 6.78
C LYS B 355 -8.30 21.15 5.55
N HIS B 356 -7.46 22.16 5.36
CA HIS B 356 -6.54 22.21 4.23
C HIS B 356 -5.50 21.09 4.32
N MET B 357 -5.21 20.64 5.53
CA MET B 357 -4.23 19.57 5.72
C MET B 357 -4.78 18.24 5.23
N MET B 358 -6.00 17.91 5.66
CA MET B 358 -6.65 16.68 5.25
C MET B 358 -6.94 16.68 3.75
N GLN B 359 -7.39 17.83 3.25
CA GLN B 359 -7.68 17.97 1.83
C GLN B 359 -6.45 17.74 0.97
N ASN B 360 -5.37 18.45 1.28
CA ASN B 360 -4.14 18.36 0.52
C ASN B 360 -3.50 16.97 0.58
N TYR B 361 -3.65 16.30 1.72
CA TYR B 361 -3.11 14.95 1.87
C TYR B 361 -3.88 13.96 1.03
N LEU B 362 -5.21 14.08 1.05
CA LEU B 362 -6.07 13.15 0.33
C LEU B 362 -5.97 13.31 -1.19
N ARG B 363 -5.94 14.55 -1.67
CA ARG B 363 -5.81 14.82 -3.10
C ARG B 363 -4.56 14.19 -3.68
N GLN B 364 -3.48 14.19 -2.90
CA GLN B 364 -2.21 13.63 -3.34
C GLN B 364 -2.24 12.11 -3.31
N GLN B 365 -2.88 11.54 -2.29
CA GLN B 365 -3.04 10.10 -2.19
C GLN B 365 -3.88 9.59 -3.35
N ILE B 366 -4.97 10.29 -3.64
CA ILE B 366 -5.82 9.97 -4.78
C ILE B 366 -4.99 9.96 -6.06
N LEU B 367 -4.21 11.02 -6.26
CA LEU B 367 -3.31 11.09 -7.40
C LEU B 367 -2.31 9.93 -7.40
N PHE B 368 -1.75 9.63 -6.23
CA PHE B 368 -0.75 8.58 -6.10
C PHE B 368 -1.29 7.22 -6.51
N TYR B 369 -2.47 6.88 -6.00
CA TYR B 369 -3.08 5.58 -6.33
C TYR B 369 -3.62 5.53 -7.76
N GLN B 370 -3.94 6.70 -8.32
CA GLN B 370 -4.32 6.76 -9.72
C GLN B 370 -3.10 6.51 -10.60
N ARG B 371 -1.98 7.10 -10.23
CA ARG B 371 -0.73 6.88 -10.95
C ARG B 371 -0.31 5.42 -10.89
N VAL B 372 -0.53 4.80 -9.74
CA VAL B 372 -0.22 3.38 -9.56
C VAL B 372 -1.03 2.50 -10.51
N GLY B 373 -2.34 2.75 -10.57
CA GLY B 373 -3.22 1.98 -11.42
C GLY B 373 -2.89 2.12 -12.89
N GLN B 374 -2.47 3.32 -13.30
CA GLN B 374 -2.11 3.57 -14.69
C GLN B 374 -0.87 2.80 -15.11
N GLN B 375 0.06 2.65 -14.17
CA GLN B 375 1.26 1.83 -14.40
C GLN B 375 0.85 0.38 -14.65
N LEU B 376 -0.10 -0.09 -13.85
CA LEU B 376 -0.58 -1.47 -13.94
C LEU B 376 -1.39 -1.71 -15.20
N GLU B 377 -2.21 -0.74 -15.58
CA GLU B 377 -3.05 -0.87 -16.76
C GLU B 377 -2.21 -0.67 -18.02
N LYS B 378 -1.04 -0.09 -17.86
CA LYS B 378 -0.10 0.09 -18.96
C LYS B 378 0.59 -1.23 -19.27
N THR B 379 0.93 -1.97 -18.23
CA THR B 379 1.66 -3.23 -18.40
C THR B 379 0.71 -4.40 -18.66
N LEU B 380 -0.57 -4.21 -18.39
CA LEU B 380 -1.58 -5.22 -18.68
C LEU B 380 -1.83 -5.27 -20.18
N ARG B 381 -1.72 -4.12 -20.83
CA ARG B 381 -1.96 -4.01 -22.26
C ARG B 381 -0.88 -4.72 -23.09
N MET B 382 0.20 -5.10 -22.42
CA MET B 382 1.29 -5.83 -23.06
C MET B 382 0.88 -7.25 -23.43
N TYR B 383 -0.19 -7.73 -22.80
CA TYR B 383 -0.62 -9.12 -22.96
C TYR B 383 -1.72 -9.28 -24.00
N ASP B 384 -2.06 -8.20 -24.69
CA ASP B 384 -3.11 -8.25 -25.70
C ASP B 384 -2.66 -8.97 -26.97
N ASN B 385 -1.39 -8.79 -27.32
CA ASN B 385 -0.84 -9.41 -28.53
C ASN B 385 -0.78 -10.93 -28.42
S SO4 C . -12.92 -37.85 1.17
O1 SO4 C . -11.46 -37.69 1.21
O2 SO4 C . -13.33 -38.24 -0.18
O3 SO4 C . -13.31 -38.89 2.11
O4 SO4 C . -13.56 -36.60 1.53
S SO4 D . 14.95 -47.86 -36.94
O1 SO4 D . 16.33 -47.39 -36.84
O2 SO4 D . 14.31 -47.22 -38.09
O3 SO4 D . 14.93 -49.31 -37.12
O4 SO4 D . 14.23 -47.50 -35.73
S SO4 E . -16.96 -45.87 -3.25
O1 SO4 E . -15.58 -46.25 -3.44
O2 SO4 E . -17.53 -45.44 -4.53
O3 SO4 E . -17.72 -47.03 -2.75
O4 SO4 E . -17.05 -44.79 -2.29
S SO4 F . -16.57 45.40 38.45
O1 SO4 F . -15.25 45.50 39.05
O2 SO4 F . -16.46 45.60 37.00
O3 SO4 F . -17.13 44.08 38.71
O4 SO4 F . -17.44 46.42 39.02
S SO4 G . 22.23 31.57 10.15
O1 SO4 G . 23.43 31.23 10.88
O2 SO4 G . 22.53 31.49 8.72
O3 SO4 G . 21.19 30.65 10.56
O4 SO4 G . 21.82 32.94 10.46
S SO4 H . 22.49 41.45 12.54
O1 SO4 H . 23.73 40.69 12.66
O2 SO4 H . 21.91 41.23 11.21
O3 SO4 H . 21.55 40.99 13.56
O4 SO4 H . 22.76 42.87 12.72
#